data_9DHU
#
_entry.id   9DHU
#
_cell.length_a   250.138
_cell.length_b   250.138
_cell.length_c   35.313
_cell.angle_alpha   90.000
_cell.angle_beta   90.000
_cell.angle_gamma   120.000
#
_symmetry.space_group_name_H-M   'H 3'
#
loop_
_entity.id
_entity.type
_entity.pdbx_description
1 polymer 'Retinoblastoma-associated protein'
2 water water
#
_entity_poly.entity_id   1
_entity_poly.type   'polypeptide(L)'
_entity_poly.pdbx_seq_one_letter_code
;GEFNTIQQLMMILNSASDQPSENLISYFNNCTVNPKESILKRVKDIGYIFKEKFAKAVGQGCVEIGSQRYKLGVRLYYRV
MESMLKSEEERLSIQNFSKLLNDNIFHMSLLACALEVVMATYSRSTSQNLDSGTDLSFPWILNVLNLKAFDFYKVIKSFI
KAEGNLTREMIKHLERCEHRIMESLAWLSDSPLFDLIKQSKDREGPTDHLESACPLNLPLQNNHTAADMYLEPVRAPKKK
STSLSLFYKKVYRLAYLRLNTLCERLLSEHPELEHIIWTLFQHTLQNEYELMRDRHLDQIMMCSMYGICKVKNIDLKFKI
IVTAYKDLPHAVQETFKRVLIKEEEYDSIIVFYNSVFMQRLKTNILQYASTRPPTLAPIPHIPFMQRLKT
;
_entity_poly.pdbx_strand_id   A,B
#
# COMPACT_ATOMS: atom_id res chain seq x y z
N GLN A 7 37.18 -26.47 -5.25
CA GLN A 7 38.06 -27.48 -5.78
C GLN A 7 37.58 -28.90 -5.53
N GLN A 8 36.59 -29.08 -4.66
CA GLN A 8 36.12 -30.44 -4.38
C GLN A 8 35.14 -30.90 -5.44
N LEU A 9 34.41 -29.97 -6.04
CA LEU A 9 33.52 -30.33 -7.14
C LEU A 9 34.32 -30.63 -8.40
N MET A 10 35.35 -29.83 -8.65
CA MET A 10 36.24 -30.06 -9.77
C MET A 10 36.90 -31.44 -9.73
N MET A 11 37.06 -32.02 -8.56
CA MET A 11 37.64 -33.36 -8.53
C MET A 11 36.59 -34.40 -8.88
N ILE A 12 35.38 -34.23 -8.34
CA ILE A 12 34.27 -35.15 -8.64
C ILE A 12 34.02 -35.19 -10.14
N LEU A 13 34.15 -34.05 -10.83
CA LEU A 13 33.90 -34.01 -12.27
C LEU A 13 35.00 -34.73 -13.07
N ASN A 14 36.29 -34.46 -12.77
CA ASN A 14 37.34 -35.06 -13.61
C ASN A 14 37.41 -36.56 -13.47
N SER A 15 37.02 -37.11 -12.32
CA SER A 15 37.00 -38.55 -12.14
C SER A 15 35.72 -39.19 -12.66
N ALA A 16 34.73 -38.39 -13.07
CA ALA A 16 33.42 -38.86 -13.45
C ALA A 16 33.33 -39.15 -14.95
N SER A 17 32.25 -39.83 -15.33
CA SER A 17 31.99 -40.27 -16.69
C SER A 17 31.33 -39.21 -17.54
N ASP A 18 31.41 -39.41 -18.86
CA ASP A 18 30.80 -38.55 -19.86
C ASP A 18 29.40 -38.99 -20.27
N GLN A 19 28.90 -40.07 -19.74
CA GLN A 19 27.56 -40.55 -20.02
C GLN A 19 26.70 -40.43 -18.77
N PRO A 20 25.38 -40.50 -18.89
CA PRO A 20 24.54 -40.47 -17.71
C PRO A 20 24.74 -41.70 -16.83
N SER A 21 24.59 -41.48 -15.53
CA SER A 21 24.66 -42.53 -14.51
C SER A 21 23.60 -43.62 -14.75
N GLU A 22 23.74 -44.73 -14.00
CA GLU A 22 22.71 -45.77 -14.05
C GLU A 22 21.45 -45.33 -13.30
N ASN A 23 21.63 -44.65 -12.17
CA ASN A 23 20.47 -44.11 -11.46
C ASN A 23 19.75 -43.08 -12.32
N LEU A 24 20.52 -42.22 -12.99
CA LEU A 24 19.90 -41.23 -13.88
C LEU A 24 19.12 -41.90 -15.02
N ILE A 25 19.68 -42.94 -15.66
CA ILE A 25 18.97 -43.48 -16.81
C ILE A 25 17.65 -44.15 -16.37
N SER A 26 17.60 -44.71 -15.17
CA SER A 26 16.33 -45.28 -14.70
C SER A 26 15.22 -44.24 -14.80
N TYR A 27 15.50 -43.01 -14.37
CA TYR A 27 14.54 -41.92 -14.56
C TYR A 27 14.13 -41.82 -16.02
N PHE A 28 15.10 -41.87 -16.94
CA PHE A 28 14.78 -41.80 -18.36
C PHE A 28 13.84 -42.93 -18.75
N ASN A 29 13.97 -44.10 -18.11
CA ASN A 29 13.12 -45.24 -18.41
C ASN A 29 11.78 -45.19 -17.72
N ASN A 30 11.70 -44.47 -16.61
CA ASN A 30 10.42 -44.26 -15.95
C ASN A 30 9.58 -43.21 -16.64
N CYS A 31 10.11 -42.55 -17.66
CA CYS A 31 9.34 -41.57 -18.42
C CYS A 31 8.43 -42.28 -19.42
N THR A 32 7.27 -41.67 -19.70
CA THR A 32 6.36 -42.22 -20.68
C THR A 32 6.95 -42.11 -22.08
N VAL A 33 7.61 -40.99 -22.35
CA VAL A 33 8.40 -40.81 -23.57
C VAL A 33 9.84 -40.80 -23.11
N ASN A 34 10.59 -41.86 -23.45
CA ASN A 34 11.97 -41.99 -22.99
C ASN A 34 12.80 -40.85 -23.61
N PRO A 35 13.39 -39.98 -22.79
CA PRO A 35 14.05 -38.78 -23.34
C PRO A 35 15.46 -39.03 -23.87
N LYS A 36 16.05 -40.18 -23.55
CA LYS A 36 17.49 -40.42 -23.65
C LYS A 36 18.10 -40.06 -25.01
N GLU A 37 17.50 -40.50 -26.10
CA GLU A 37 18.13 -40.19 -27.37
C GLU A 37 18.06 -38.70 -27.67
N SER A 38 16.95 -38.04 -27.38
CA SER A 38 16.91 -36.61 -27.67
C SER A 38 17.86 -35.85 -26.75
N ILE A 39 18.00 -36.28 -25.50
CA ILE A 39 18.98 -35.64 -24.65
C ILE A 39 20.36 -35.80 -25.25
N LEU A 40 20.78 -37.05 -25.50
CA LEU A 40 22.15 -37.31 -25.92
C LEU A 40 22.50 -36.59 -27.21
N LYS A 41 21.62 -36.71 -28.20
CA LYS A 41 21.84 -35.98 -29.42
C LYS A 41 21.99 -34.50 -29.12
N ARG A 42 21.24 -33.99 -28.14
CA ARG A 42 21.32 -32.55 -27.86
C ARG A 42 22.70 -32.16 -27.36
N VAL A 43 23.28 -32.98 -26.47
CA VAL A 43 24.63 -32.68 -25.97
C VAL A 43 25.63 -32.72 -27.11
N LYS A 44 25.59 -33.79 -27.91
CA LYS A 44 26.45 -33.89 -29.09
C LYS A 44 26.25 -32.69 -30.02
N ASP A 45 25.02 -32.44 -30.42
CA ASP A 45 24.78 -31.33 -31.34
C ASP A 45 25.29 -30.01 -30.76
N ILE A 46 25.17 -29.83 -29.45
CA ILE A 46 25.69 -28.61 -28.83
C ILE A 46 27.21 -28.63 -28.78
N GLY A 47 27.81 -29.80 -28.61
CA GLY A 47 29.26 -29.89 -28.65
C GLY A 47 29.85 -29.10 -29.81
N TYR A 48 29.34 -29.31 -31.01
CA TYR A 48 29.91 -28.63 -32.16
C TYR A 48 29.90 -27.12 -31.97
N ILE A 49 28.74 -26.56 -31.76
CA ILE A 49 28.63 -25.11 -31.76
C ILE A 49 29.46 -24.52 -30.61
N PHE A 50 29.53 -25.22 -29.47
CA PHE A 50 30.30 -24.71 -28.35
C PHE A 50 31.77 -24.59 -28.73
N LYS A 51 32.34 -25.70 -29.20
CA LYS A 51 33.75 -25.74 -29.59
C LYS A 51 34.07 -24.73 -30.68
N GLU A 52 33.16 -24.57 -31.63
CA GLU A 52 33.37 -23.60 -32.68
C GLU A 52 33.52 -22.20 -32.10
N LYS A 53 32.44 -21.68 -31.53
CA LYS A 53 32.46 -20.33 -30.99
C LYS A 53 33.53 -20.19 -29.91
N PHE A 54 33.84 -21.29 -29.20
CA PHE A 54 34.90 -21.26 -28.20
C PHE A 54 36.24 -20.96 -28.84
N ALA A 55 36.52 -21.63 -29.96
CA ALA A 55 37.73 -21.32 -30.71
C ALA A 55 37.66 -19.94 -31.36
N LYS A 56 36.48 -19.48 -31.75
CA LYS A 56 36.37 -18.16 -32.35
C LYS A 56 36.73 -17.02 -31.39
N ALA A 57 37.07 -17.36 -30.14
CA ALA A 57 37.44 -16.33 -29.16
C ALA A 57 38.78 -16.59 -28.50
N VAL A 58 39.15 -17.86 -28.26
CA VAL A 58 40.42 -18.23 -27.63
C VAL A 58 41.44 -18.70 -28.65
N GLY A 59 41.11 -18.67 -29.94
CA GLY A 59 42.08 -18.98 -30.96
C GLY A 59 42.32 -20.47 -31.10
N GLN A 60 43.53 -20.81 -31.55
CA GLN A 60 43.90 -22.18 -31.88
C GLN A 60 44.72 -22.75 -30.72
N GLY A 61 44.21 -23.83 -30.12
CA GLY A 61 44.82 -24.42 -28.94
C GLY A 61 45.93 -25.40 -29.25
N GLU A 64 40.93 -27.53 -28.45
CA GLU A 64 41.30 -28.73 -27.69
C GLU A 64 40.83 -28.55 -26.27
N ILE A 65 40.90 -27.28 -25.86
CA ILE A 65 40.35 -26.82 -24.59
C ILE A 65 38.84 -26.69 -24.68
N GLY A 66 38.35 -26.05 -25.74
CA GLY A 66 36.92 -26.02 -25.97
C GLY A 66 36.31 -27.38 -25.74
N SER A 67 36.90 -28.41 -26.34
CA SER A 67 36.39 -29.76 -26.11
C SER A 67 36.43 -30.12 -24.64
N GLN A 68 37.41 -29.62 -23.90
CA GLN A 68 37.59 -30.05 -22.52
C GLN A 68 36.67 -29.31 -21.54
N ARG A 69 36.51 -28.00 -21.72
CA ARG A 69 35.50 -27.30 -20.96
C ARG A 69 34.15 -28.00 -21.12
N TYR A 70 33.75 -28.23 -22.37
CA TYR A 70 32.44 -28.79 -22.65
C TYR A 70 32.24 -30.17 -22.04
N LYS A 71 33.27 -30.99 -21.98
CA LYS A 71 33.03 -32.32 -21.44
C LYS A 71 32.94 -32.29 -19.92
N LEU A 72 33.56 -31.30 -19.28
CA LEU A 72 33.30 -31.12 -17.85
C LEU A 72 31.90 -30.58 -17.61
N GLY A 73 31.52 -29.55 -18.36
CA GLY A 73 30.14 -29.09 -18.43
C GLY A 73 29.19 -30.26 -18.53
N VAL A 74 29.42 -31.16 -19.49
CA VAL A 74 28.46 -32.23 -19.62
C VAL A 74 28.45 -33.06 -18.37
N ARG A 75 29.59 -33.16 -17.70
CA ARG A 75 29.68 -34.00 -16.51
C ARG A 75 28.86 -33.42 -15.36
N LEU A 76 28.98 -32.11 -15.15
CA LEU A 76 28.13 -31.41 -14.19
C LEU A 76 26.66 -31.49 -14.59
N TYR A 77 26.34 -31.18 -15.85
CA TYR A 77 24.98 -31.24 -16.36
C TYR A 77 24.28 -32.51 -15.93
N TYR A 78 24.85 -33.67 -16.22
CA TYR A 78 24.20 -34.92 -15.85
C TYR A 78 24.18 -35.12 -14.33
N ARG A 79 25.22 -34.71 -13.62
CA ARG A 79 25.16 -34.86 -12.18
C ARG A 79 23.96 -34.10 -11.62
N VAL A 80 23.83 -32.83 -12.01
CA VAL A 80 22.80 -31.97 -11.46
C VAL A 80 21.41 -32.42 -11.89
N MET A 81 21.25 -32.68 -13.17
CA MET A 81 19.99 -33.25 -13.63
C MET A 81 19.56 -34.38 -12.71
N GLU A 82 20.49 -35.26 -12.38
CA GLU A 82 20.11 -36.40 -11.54
C GLU A 82 19.72 -35.91 -10.14
N SER A 83 20.45 -34.95 -9.58
CA SER A 83 20.05 -34.39 -8.28
C SER A 83 18.68 -33.76 -8.40
N MET A 84 18.46 -33.01 -9.46
CA MET A 84 17.22 -32.28 -9.61
C MET A 84 16.04 -33.20 -9.83
N LEU A 85 16.24 -34.24 -10.63
CA LEU A 85 15.16 -35.18 -10.85
C LEU A 85 14.76 -35.87 -9.55
N LYS A 86 15.61 -35.84 -8.54
CA LYS A 86 15.28 -36.54 -7.31
C LYS A 86 14.18 -35.83 -6.54
N SER A 87 14.23 -34.51 -6.52
CA SER A 87 13.13 -33.79 -5.89
C SER A 87 11.88 -33.81 -6.78
N GLU A 88 12.06 -33.72 -8.09
CA GLU A 88 10.92 -33.54 -8.98
C GLU A 88 10.12 -34.80 -9.19
N GLU A 89 10.69 -35.96 -8.85
CA GLU A 89 9.93 -37.19 -9.04
C GLU A 89 8.76 -37.27 -8.07
N GLU A 90 8.89 -36.65 -6.89
CA GLU A 90 7.76 -36.55 -5.98
C GLU A 90 6.85 -35.39 -6.32
N ARG A 91 7.33 -34.39 -7.04
CA ARG A 91 6.57 -33.16 -7.18
C ARG A 91 5.66 -33.20 -8.39
N LEU A 92 6.06 -33.94 -9.42
CA LEU A 92 5.47 -33.89 -10.75
C LEU A 92 4.72 -35.18 -11.05
N SER A 93 3.63 -35.01 -11.75
CA SER A 93 2.89 -36.12 -12.29
C SER A 93 3.76 -36.85 -13.30
N ILE A 94 3.37 -38.09 -13.59
CA ILE A 94 4.12 -38.84 -14.59
C ILE A 94 4.24 -38.03 -15.87
N GLN A 95 3.12 -37.46 -16.34
CA GLN A 95 3.17 -36.78 -17.63
C GLN A 95 3.98 -35.50 -17.56
N ASN A 96 3.91 -34.77 -16.44
CA ASN A 96 4.81 -33.63 -16.27
C ASN A 96 6.27 -34.05 -16.22
N PHE A 97 6.57 -35.13 -15.48
CA PHE A 97 7.96 -35.62 -15.40
C PHE A 97 8.55 -35.85 -16.80
N SER A 98 7.80 -36.54 -17.66
CA SER A 98 8.28 -36.81 -19.02
C SER A 98 8.36 -35.52 -19.83
N LYS A 99 7.34 -34.67 -19.72
CA LYS A 99 7.41 -33.42 -20.45
C LYS A 99 8.69 -32.66 -20.08
N LEU A 100 8.98 -32.53 -18.80
CA LEU A 100 10.25 -31.92 -18.39
C LEU A 100 11.43 -32.56 -19.14
N LEU A 101 11.57 -33.89 -19.04
CA LEU A 101 12.79 -34.51 -19.52
C LEU A 101 12.93 -34.46 -21.02
N ASN A 102 11.86 -34.10 -21.76
CA ASN A 102 11.93 -33.87 -23.21
C ASN A 102 11.83 -32.40 -23.58
N ASP A 103 11.90 -31.50 -22.61
CA ASP A 103 11.78 -30.08 -22.89
C ASP A 103 13.14 -29.48 -23.25
N ASN A 104 13.23 -28.94 -24.47
CA ASN A 104 14.51 -28.47 -24.97
C ASN A 104 15.04 -27.28 -24.19
N ILE A 105 14.20 -26.31 -23.84
CA ILE A 105 14.75 -25.12 -23.18
C ILE A 105 15.21 -25.46 -21.78
N PHE A 106 14.52 -26.36 -21.12
CA PHE A 106 15.03 -26.88 -19.88
C PHE A 106 16.44 -27.41 -20.07
N HIS A 107 16.64 -28.30 -21.03
CA HIS A 107 17.98 -28.82 -21.19
C HIS A 107 18.97 -27.74 -21.63
N MET A 108 18.57 -26.85 -22.53
CA MET A 108 19.52 -25.82 -22.93
C MET A 108 19.98 -25.02 -21.72
N SER A 109 19.07 -24.79 -20.78
CA SER A 109 19.37 -23.92 -19.65
C SER A 109 20.19 -24.66 -18.60
N LEU A 110 19.89 -25.92 -18.38
CA LEU A 110 20.66 -26.71 -17.43
C LEU A 110 22.11 -26.86 -17.89
N LEU A 111 22.28 -27.21 -19.17
CA LEU A 111 23.61 -27.38 -19.72
C LEU A 111 24.33 -26.05 -19.80
N ALA A 112 23.66 -25.00 -20.25
CA ALA A 112 24.30 -23.70 -20.28
C ALA A 112 24.79 -23.30 -18.89
N CYS A 113 24.10 -23.75 -17.85
CA CYS A 113 24.45 -23.33 -16.49
C CYS A 113 25.58 -24.19 -15.94
N ALA A 114 25.58 -25.48 -16.25
CA ALA A 114 26.76 -26.29 -15.97
C ALA A 114 27.98 -25.66 -16.63
N LEU A 115 27.86 -25.38 -17.94
CA LEU A 115 28.98 -24.82 -18.67
C LEU A 115 29.46 -23.52 -18.08
N GLU A 116 28.55 -22.63 -17.71
CA GLU A 116 29.03 -21.39 -17.12
C GLU A 116 29.83 -21.66 -15.85
N VAL A 117 29.44 -22.68 -15.08
CA VAL A 117 30.18 -23.00 -13.87
C VAL A 117 31.62 -23.38 -14.20
N VAL A 118 31.82 -24.25 -15.19
CA VAL A 118 33.18 -24.65 -15.55
C VAL A 118 33.95 -23.44 -16.08
N MET A 119 33.42 -22.78 -17.11
CA MET A 119 34.07 -21.60 -17.65
C MET A 119 34.56 -20.67 -16.56
N ALA A 120 33.66 -20.28 -15.67
CA ALA A 120 33.97 -19.19 -14.74
C ALA A 120 35.05 -19.61 -13.77
N THR A 121 35.02 -20.87 -13.33
CA THR A 121 36.05 -21.37 -12.45
C THR A 121 37.41 -21.31 -13.12
N TYR A 122 37.49 -21.73 -14.40
CA TYR A 122 38.72 -21.77 -15.17
C TYR A 122 38.99 -20.48 -15.94
N SER A 123 38.45 -19.36 -15.50
CA SER A 123 38.62 -18.13 -16.26
C SER A 123 40.08 -17.68 -16.29
N LEU A 136 34.67 -14.42 -22.90
CA LEU A 136 34.05 -15.65 -22.39
C LEU A 136 33.27 -15.53 -21.10
N SER A 137 33.04 -14.29 -20.71
CA SER A 137 32.29 -13.98 -19.52
C SER A 137 30.78 -14.10 -19.75
N PHE A 138 30.07 -14.50 -18.72
CA PHE A 138 28.64 -14.33 -18.77
C PHE A 138 28.33 -12.89 -19.21
N PRO A 139 27.46 -12.69 -20.18
CA PRO A 139 26.52 -13.58 -20.85
C PRO A 139 27.05 -14.26 -22.11
N TRP A 140 28.34 -14.60 -22.13
CA TRP A 140 28.88 -15.24 -23.33
C TRP A 140 28.10 -16.49 -23.68
N ILE A 141 27.87 -17.35 -22.69
CA ILE A 141 27.32 -18.67 -22.95
C ILE A 141 25.90 -18.56 -23.52
N LEU A 142 25.17 -17.47 -23.24
CA LEU A 142 23.85 -17.31 -23.81
C LEU A 142 23.92 -16.98 -25.30
N ASN A 143 24.85 -16.11 -25.70
CA ASN A 143 25.03 -15.83 -27.13
C ASN A 143 25.50 -17.07 -27.87
N VAL A 144 26.32 -17.89 -27.21
CA VAL A 144 26.84 -19.07 -27.87
C VAL A 144 25.72 -20.05 -28.15
N LEU A 145 24.79 -20.20 -27.20
CA LEU A 145 23.72 -21.17 -27.32
C LEU A 145 22.40 -20.54 -27.73
N ASN A 146 22.39 -19.26 -28.08
CA ASN A 146 21.18 -18.58 -28.51
C ASN A 146 20.05 -18.88 -27.53
N LEU A 147 20.32 -18.65 -26.24
CA LEU A 147 19.39 -18.87 -25.13
C LEU A 147 19.01 -17.53 -24.51
N LYS A 148 17.71 -17.25 -24.44
CA LYS A 148 17.25 -15.99 -23.85
C LYS A 148 17.61 -15.90 -22.36
N ALA A 149 18.05 -14.73 -21.93
CA ALA A 149 18.44 -14.54 -20.54
C ALA A 149 17.29 -14.93 -19.60
N PHE A 150 16.06 -14.59 -19.99
CA PHE A 150 14.90 -14.84 -19.13
C PHE A 150 14.60 -16.33 -19.03
N ASP A 151 14.84 -17.09 -20.10
CA ASP A 151 14.73 -18.54 -19.98
C ASP A 151 15.85 -19.11 -19.10
N PHE A 152 17.08 -18.63 -19.26
CA PHE A 152 18.18 -19.13 -18.45
C PHE A 152 17.96 -18.80 -16.98
N TYR A 153 17.51 -17.57 -16.71
CA TYR A 153 17.24 -17.14 -15.35
C TYR A 153 16.49 -18.19 -14.56
N LYS A 154 15.53 -18.85 -15.21
CA LYS A 154 14.63 -19.73 -14.50
C LYS A 154 15.36 -20.90 -13.85
N VAL A 155 16.55 -21.26 -14.31
CA VAL A 155 17.22 -22.47 -13.83
C VAL A 155 18.17 -22.26 -12.65
N ILE A 156 18.51 -21.01 -12.35
CA ILE A 156 19.68 -20.72 -11.55
C ILE A 156 19.50 -21.20 -10.12
N LYS A 157 18.41 -20.80 -9.46
CA LYS A 157 18.19 -21.14 -8.03
C LYS A 157 18.07 -22.65 -7.86
N SER A 158 17.33 -23.32 -8.73
CA SER A 158 17.16 -24.78 -8.61
C SER A 158 18.48 -25.50 -8.88
N PHE A 159 19.29 -24.94 -9.77
CA PHE A 159 20.64 -25.45 -10.02
C PHE A 159 21.49 -25.36 -8.75
N ILE A 160 21.63 -24.16 -8.19
CA ILE A 160 22.34 -24.00 -6.93
C ILE A 160 21.84 -25.03 -5.92
N LYS A 161 20.51 -25.09 -5.72
CA LYS A 161 19.99 -25.92 -4.64
C LYS A 161 20.31 -27.38 -4.85
N ALA A 162 20.41 -27.83 -6.12
CA ALA A 162 20.62 -29.25 -6.36
C ALA A 162 22.09 -29.65 -6.41
N GLU A 163 23.01 -28.71 -6.33
CA GLU A 163 24.44 -29.05 -6.40
C GLU A 163 25.05 -28.54 -5.09
N GLY A 164 24.98 -29.40 -4.07
CA GLY A 164 25.54 -29.02 -2.78
C GLY A 164 27.05 -28.74 -2.76
N ASN A 165 27.78 -29.05 -3.82
CA ASN A 165 29.24 -28.86 -3.78
C ASN A 165 29.68 -27.55 -4.39
N LEU A 166 28.77 -26.70 -4.81
CA LEU A 166 29.24 -25.44 -5.36
C LEU A 166 30.01 -24.73 -4.26
N THR A 167 31.09 -24.08 -4.65
CA THR A 167 31.84 -23.26 -3.72
C THR A 167 31.08 -21.98 -3.44
N ARG A 168 31.51 -21.25 -2.43
CA ARG A 168 30.97 -19.91 -2.25
C ARG A 168 31.17 -19.07 -3.50
N GLU A 169 32.40 -19.04 -3.99
CA GLU A 169 32.71 -18.11 -5.06
C GLU A 169 31.85 -18.42 -6.27
N MET A 170 31.47 -19.69 -6.43
CA MET A 170 30.65 -20.09 -7.56
C MET A 170 29.19 -19.69 -7.36
N ILE A 171 28.62 -19.98 -6.18
CA ILE A 171 27.30 -19.48 -5.86
C ILE A 171 27.19 -17.99 -6.13
N LYS A 172 28.14 -17.22 -5.56
CA LYS A 172 28.15 -15.78 -5.77
C LYS A 172 28.17 -15.44 -7.25
N HIS A 173 28.78 -16.31 -8.07
CA HIS A 173 28.85 -16.03 -9.50
C HIS A 173 27.50 -16.20 -10.19
N LEU A 174 26.84 -17.32 -9.95
CA LEU A 174 25.52 -17.54 -10.53
C LEU A 174 24.55 -16.44 -10.07
N GLU A 175 24.67 -15.99 -8.82
CA GLU A 175 23.81 -14.90 -8.38
C GLU A 175 24.13 -13.57 -9.08
N ARG A 176 25.40 -13.28 -9.36
CA ARG A 176 25.67 -12.05 -10.13
C ARG A 176 25.07 -12.20 -11.52
N CYS A 177 25.08 -13.41 -12.06
CA CYS A 177 24.41 -13.63 -13.33
C CYS A 177 22.92 -13.33 -13.17
N GLU A 178 22.30 -13.94 -12.16
CA GLU A 178 20.88 -13.75 -11.93
C GLU A 178 20.52 -12.29 -11.74
N HIS A 179 21.28 -11.56 -10.92
CA HIS A 179 20.97 -10.16 -10.68
C HIS A 179 21.14 -9.35 -11.94
N ARG A 180 22.12 -9.69 -12.77
CA ARG A 180 22.31 -8.92 -14.00
C ARG A 180 21.17 -9.17 -14.98
N ILE A 181 20.64 -10.38 -15.00
CA ILE A 181 19.46 -10.65 -15.80
C ILE A 181 18.27 -9.84 -15.28
N MET A 182 18.04 -9.89 -13.97
CA MET A 182 16.97 -9.09 -13.41
C MET A 182 17.19 -7.61 -13.70
N GLU A 183 18.44 -7.15 -13.67
CA GLU A 183 18.69 -5.73 -13.77
C GLU A 183 18.73 -5.23 -15.21
N SER A 184 19.01 -6.10 -16.19
CA SER A 184 19.28 -5.63 -17.53
C SER A 184 18.91 -6.61 -18.63
N LEU A 185 19.39 -7.84 -18.53
CA LEU A 185 19.39 -8.72 -19.68
C LEU A 185 18.00 -9.24 -20.00
N ALA A 186 17.19 -9.49 -18.96
CA ALA A 186 15.82 -9.93 -19.21
C ALA A 186 15.02 -8.85 -19.95
N TRP A 187 15.44 -7.58 -19.86
CA TRP A 187 14.68 -6.47 -20.42
C TRP A 187 15.14 -6.06 -21.82
N LEU A 188 16.07 -6.79 -22.41
CA LEU A 188 16.43 -6.57 -23.80
C LEU A 188 15.26 -6.86 -24.73
N SER A 189 15.26 -6.21 -25.89
CA SER A 189 14.26 -6.49 -26.90
C SER A 189 14.38 -7.93 -27.39
N ASP A 190 13.22 -8.50 -27.75
CA ASP A 190 12.98 -9.86 -28.20
C ASP A 190 12.95 -10.83 -27.02
N SER A 191 13.24 -10.38 -25.80
CA SER A 191 13.17 -11.21 -24.63
C SER A 191 11.72 -11.63 -24.38
N PRO A 192 11.49 -12.89 -24.00
CA PRO A 192 10.13 -13.31 -23.69
C PRO A 192 9.51 -12.59 -22.52
N LEU A 193 10.27 -11.80 -21.74
CA LEU A 193 9.67 -11.14 -20.59
C LEU A 193 8.56 -10.19 -21.01
N PHE A 194 8.77 -9.43 -22.08
CA PHE A 194 7.76 -8.47 -22.51
C PHE A 194 6.52 -9.17 -23.06
N ASP A 195 6.72 -10.30 -23.75
CA ASP A 195 5.57 -11.08 -24.20
C ASP A 195 4.67 -11.41 -23.01
N LEU A 196 5.28 -11.87 -21.90
CA LEU A 196 4.51 -12.32 -20.75
C LEU A 196 3.87 -11.15 -20.02
N ILE A 197 4.54 -9.99 -20.00
CA ILE A 197 3.93 -8.81 -19.38
C ILE A 197 2.66 -8.43 -20.13
N LYS A 198 2.71 -8.46 -21.47
CA LYS A 198 1.55 -8.08 -22.29
C LYS A 198 0.28 -8.79 -21.80
N GLN A 199 0.36 -10.12 -21.63
CA GLN A 199 -0.81 -10.88 -21.24
C GLN A 199 -1.43 -10.41 -19.94
N SER A 200 -0.63 -10.33 -18.88
CA SER A 200 -1.17 -10.06 -17.55
C SER A 200 -1.90 -8.72 -17.43
N HIS A 224 7.91 -23.61 -6.08
CA HIS A 224 7.95 -23.10 -7.47
C HIS A 224 9.33 -23.24 -8.13
N THR A 225 9.61 -24.42 -8.64
CA THR A 225 10.96 -24.78 -9.00
C THR A 225 11.21 -24.42 -10.45
N ALA A 226 12.45 -24.62 -10.90
CA ALA A 226 12.76 -24.43 -12.31
C ALA A 226 11.89 -25.30 -13.19
N ALA A 227 11.63 -26.53 -12.76
CA ALA A 227 10.77 -27.41 -13.56
C ALA A 227 9.38 -26.80 -13.71
N ASP A 228 8.86 -26.19 -12.64
CA ASP A 228 7.54 -25.55 -12.72
C ASP A 228 7.54 -24.46 -13.79
N MET A 229 8.61 -23.69 -13.86
CA MET A 229 8.65 -22.58 -14.82
C MET A 229 8.87 -23.07 -16.25
N TYR A 230 9.61 -24.15 -16.44
CA TYR A 230 9.80 -24.63 -17.80
C TYR A 230 8.58 -25.40 -18.32
N LEU A 231 7.75 -25.90 -17.42
CA LEU A 231 6.56 -26.65 -17.81
C LEU A 231 5.39 -25.73 -18.12
N GLU A 232 5.49 -24.44 -17.81
CA GLU A 232 4.43 -23.51 -18.15
C GLU A 232 4.28 -23.47 -19.68
N PRO A 233 3.07 -23.49 -20.20
CA PRO A 233 2.93 -23.45 -21.65
C PRO A 233 3.19 -22.05 -22.13
N VAL A 234 3.65 -21.94 -23.37
CA VAL A 234 3.79 -20.60 -23.94
C VAL A 234 2.44 -19.92 -24.16
N ARG A 235 1.33 -20.66 -24.19
CA ARG A 235 0.03 -20.05 -24.42
C ARG A 235 -1.00 -20.52 -23.40
N ALA A 236 -1.51 -19.55 -22.63
CA ALA A 236 -2.47 -19.76 -21.55
C ALA A 236 -3.90 -19.35 -21.95
N LYS A 239 -4.28 -18.16 -18.05
CA LYS A 239 -3.78 -18.28 -16.67
C LYS A 239 -2.60 -17.34 -16.37
N LYS A 240 -2.28 -17.17 -15.07
CA LYS A 240 -1.15 -16.36 -14.60
C LYS A 240 0.15 -17.18 -14.64
N SER A 241 1.25 -16.49 -14.91
CA SER A 241 2.54 -17.13 -15.12
C SER A 241 3.33 -17.14 -13.81
N THR A 242 3.70 -18.34 -13.36
CA THR A 242 4.56 -18.40 -12.18
C THR A 242 5.90 -17.74 -12.47
N SER A 243 6.36 -17.85 -13.72
CA SER A 243 7.65 -17.25 -14.13
C SER A 243 7.61 -15.75 -13.98
N LEU A 244 6.59 -15.11 -14.50
CA LEU A 244 6.52 -13.65 -14.42
C LEU A 244 6.37 -13.19 -12.98
N SER A 245 5.48 -13.82 -12.21
CA SER A 245 5.27 -13.35 -10.85
C SER A 245 6.54 -13.52 -10.02
N LEU A 246 7.18 -14.67 -10.17
CA LEU A 246 8.42 -14.90 -9.43
C LEU A 246 9.47 -13.88 -9.83
N PHE A 247 9.64 -13.65 -11.12
CA PHE A 247 10.63 -12.69 -11.60
C PHE A 247 10.42 -11.31 -10.99
N TYR A 248 9.19 -10.79 -11.09
CA TYR A 248 8.95 -9.46 -10.57
C TYR A 248 9.15 -9.44 -9.06
N LYS A 249 8.68 -10.47 -8.36
CA LYS A 249 8.83 -10.54 -6.91
C LYS A 249 10.28 -10.35 -6.53
N LYS A 250 11.17 -11.02 -7.25
CA LYS A 250 12.61 -10.88 -6.99
C LYS A 250 13.12 -9.52 -7.47
N VAL A 251 12.72 -9.07 -8.66
CA VAL A 251 13.21 -7.79 -9.14
C VAL A 251 12.96 -6.70 -8.10
N TYR A 252 11.75 -6.69 -7.52
CA TYR A 252 11.42 -5.67 -6.55
C TYR A 252 12.35 -5.71 -5.34
N ARG A 253 12.70 -6.92 -4.89
CA ARG A 253 13.53 -7.05 -3.69
C ARG A 253 14.92 -6.51 -3.98
N LEU A 254 15.46 -6.82 -5.16
CA LEU A 254 16.70 -6.20 -5.61
C LEU A 254 16.57 -4.69 -5.69
N ALA A 255 15.65 -4.21 -6.52
CA ALA A 255 15.48 -2.77 -6.73
C ALA A 255 15.34 -2.04 -5.40
N TYR A 256 14.51 -2.56 -4.51
CA TYR A 256 14.31 -1.88 -3.24
C TYR A 256 15.57 -1.96 -2.39
N LEU A 257 16.24 -3.11 -2.37
CA LEU A 257 17.49 -3.24 -1.62
C LEU A 257 18.51 -2.23 -2.13
N ARG A 258 18.69 -2.17 -3.45
CA ARG A 258 19.62 -1.20 -4.03
C ARG A 258 19.15 0.22 -3.74
N LEU A 259 17.88 0.52 -4.00
CA LEU A 259 17.39 1.86 -3.71
C LEU A 259 17.60 2.19 -2.24
N ASN A 260 17.36 1.22 -1.35
CA ASN A 260 17.53 1.47 0.07
C ASN A 260 18.95 1.91 0.37
N THR A 261 19.94 1.23 -0.21
CA THR A 261 21.33 1.61 0.02
C THR A 261 21.57 3.09 -0.30
N LEU A 262 21.06 3.58 -1.43
CA LEU A 262 21.34 4.94 -1.83
C LEU A 262 20.63 5.97 -0.94
N CYS A 263 19.48 5.61 -0.37
CA CYS A 263 18.69 6.54 0.43
C CYS A 263 19.27 6.79 1.82
N GLU A 264 19.84 5.75 2.44
CA GLU A 264 20.46 5.94 3.76
C GLU A 264 21.73 6.77 3.69
N ARG A 265 22.42 6.73 2.55
CA ARG A 265 23.60 7.57 2.37
C ARG A 265 23.25 9.02 2.06
N LEU A 266 22.23 9.26 1.22
CA LEU A 266 21.99 10.58 0.68
C LEU A 266 20.77 11.30 1.25
N LEU A 267 19.77 10.57 1.77
CA LEU A 267 18.47 11.17 2.13
C LEU A 267 18.12 10.81 3.58
N SER A 268 18.58 11.68 4.48
CA SER A 268 18.35 11.56 5.91
C SER A 268 17.66 12.80 6.52
N GLU A 269 17.75 13.98 5.88
CA GLU A 269 17.05 15.17 6.36
C GLU A 269 15.58 15.17 5.95
N HIS A 270 15.20 14.24 5.10
CA HIS A 270 13.79 13.88 4.85
C HIS A 270 13.74 12.37 4.69
N PRO A 271 13.95 11.60 5.77
CA PRO A 271 14.01 10.14 5.66
C PRO A 271 12.68 9.53 5.25
N GLU A 272 11.59 10.31 5.37
CA GLU A 272 10.31 9.88 4.83
C GLU A 272 10.39 9.59 3.34
N LEU A 273 11.38 10.16 2.65
CA LEU A 273 11.44 10.10 1.20
C LEU A 273 11.69 8.68 0.71
N GLU A 274 12.32 7.84 1.53
CA GLU A 274 12.63 6.46 1.14
C GLU A 274 11.39 5.76 0.59
N HIS A 275 10.33 5.74 1.39
CA HIS A 275 9.11 5.02 1.02
C HIS A 275 8.42 5.68 -0.15
N ILE A 276 8.53 7.01 -0.25
CA ILE A 276 7.94 7.75 -1.36
C ILE A 276 8.63 7.37 -2.67
N ILE A 277 9.95 7.45 -2.69
CA ILE A 277 10.72 7.11 -3.88
C ILE A 277 10.37 5.70 -4.35
N TRP A 278 10.32 4.76 -3.41
CA TRP A 278 10.00 3.37 -3.76
C TRP A 278 8.64 3.26 -4.43
N THR A 279 7.64 3.98 -3.92
CA THR A 279 6.31 3.89 -4.52
C THR A 279 6.38 4.31 -5.99
N LEU A 280 7.04 5.42 -6.28
CA LEU A 280 7.22 5.81 -7.68
C LEU A 280 8.03 4.74 -8.44
N PHE A 281 9.14 4.28 -7.85
CA PHE A 281 9.97 3.28 -8.50
C PHE A 281 9.16 2.04 -8.85
N GLN A 282 8.44 1.51 -7.87
CA GLN A 282 7.65 0.30 -8.09
C GLN A 282 6.45 0.57 -9.00
N HIS A 283 5.77 1.71 -8.86
CA HIS A 283 4.67 2.00 -9.75
C HIS A 283 5.16 2.01 -11.20
N THR A 284 6.38 2.50 -11.42
CA THR A 284 6.94 2.58 -12.76
C THR A 284 7.30 1.20 -13.30
N LEU A 285 7.84 0.31 -12.44
CA LEU A 285 8.22 -1.02 -12.90
C LEU A 285 7.01 -1.86 -13.28
N GLN A 286 5.85 -1.63 -12.64
CA GLN A 286 4.70 -2.48 -12.92
C GLN A 286 3.93 -2.03 -14.16
N ASN A 287 3.68 -0.71 -14.30
CA ASN A 287 2.75 -0.18 -15.29
C ASN A 287 3.40 0.63 -16.40
N GLU A 288 4.62 1.12 -16.19
CA GLU A 288 5.39 1.80 -17.23
C GLU A 288 6.61 0.95 -17.54
N TYR A 289 6.45 -0.36 -17.41
CA TYR A 289 7.54 -1.30 -17.62
C TYR A 289 8.24 -1.09 -18.94
N GLU A 290 7.51 -0.59 -19.95
CA GLU A 290 8.10 -0.40 -21.28
C GLU A 290 9.36 0.45 -21.24
N LEU A 291 9.56 1.27 -20.20
CA LEU A 291 10.76 2.09 -20.12
C LEU A 291 12.01 1.29 -19.77
N MET A 292 11.87 0.05 -19.30
CA MET A 292 13.05 -0.74 -18.98
C MET A 292 13.63 -1.41 -20.21
N ARG A 293 12.87 -1.43 -21.31
CA ARG A 293 13.30 -2.01 -22.60
C ARG A 293 14.72 -1.55 -22.87
N ASP A 294 15.73 -2.45 -22.91
CA ASP A 294 17.07 -2.08 -23.30
C ASP A 294 17.63 -1.02 -22.35
N ARG A 295 17.24 -1.12 -21.09
CA ARG A 295 17.66 -0.17 -20.04
C ARG A 295 18.10 -0.99 -18.80
N HIS A 296 18.36 -0.35 -17.67
CA HIS A 296 18.92 -0.91 -16.45
C HIS A 296 18.07 -0.50 -15.25
N LEU A 297 17.74 -1.47 -14.39
CA LEU A 297 16.97 -1.19 -13.19
C LEU A 297 17.49 0.04 -12.46
N ASP A 298 18.82 0.15 -12.33
CA ASP A 298 19.37 1.27 -11.58
C ASP A 298 19.18 2.60 -12.28
N GLN A 299 19.00 2.63 -13.60
CA GLN A 299 18.67 3.89 -14.25
C GLN A 299 17.28 4.35 -13.86
N ILE A 300 16.33 3.43 -13.80
CA ILE A 300 15.00 3.77 -13.33
C ILE A 300 15.03 4.12 -11.84
N MET A 301 15.79 3.35 -11.06
CA MET A 301 15.96 3.65 -9.63
C MET A 301 16.38 5.10 -9.41
N MET A 302 17.41 5.55 -10.14
CA MET A 302 18.02 6.83 -9.85
C MET A 302 17.12 7.99 -10.24
N CYS A 303 16.36 7.84 -11.32
CA CYS A 303 15.44 8.90 -11.70
C CYS A 303 14.29 9.02 -10.71
N SER A 304 13.84 7.89 -10.15
CA SER A 304 12.76 7.96 -9.17
C SER A 304 13.19 8.72 -7.93
N MET A 305 14.49 8.66 -7.62
CA MET A 305 15.08 9.36 -6.47
C MET A 305 15.08 10.85 -6.77
N TYR A 306 15.65 11.25 -7.89
CA TYR A 306 15.77 12.69 -8.17
C TYR A 306 14.38 13.30 -8.33
N GLY A 307 13.47 12.59 -8.98
CA GLY A 307 12.15 13.14 -9.20
C GLY A 307 11.38 13.42 -7.92
N ILE A 308 11.38 12.45 -6.98
CA ILE A 308 10.57 12.62 -5.77
C ILE A 308 11.09 13.76 -4.89
N CYS A 309 12.40 13.90 -4.75
CA CYS A 309 12.92 15.02 -3.96
C CYS A 309 12.71 16.34 -4.71
N LYS A 310 12.70 16.29 -6.04
CA LYS A 310 12.42 17.49 -6.84
C LYS A 310 11.00 18.00 -6.55
N VAL A 311 9.99 17.12 -6.56
CA VAL A 311 8.61 17.58 -6.42
C VAL A 311 8.25 17.90 -4.96
N LYS A 312 9.06 17.46 -4.00
CA LYS A 312 8.96 17.95 -2.62
C LYS A 312 9.84 19.17 -2.38
N ASN A 313 10.34 19.79 -3.46
CA ASN A 313 11.10 21.05 -3.43
C ASN A 313 12.43 20.90 -2.74
N ILE A 314 13.00 19.70 -2.80
CA ILE A 314 14.33 19.45 -2.25
C ILE A 314 15.34 19.74 -3.35
N ASP A 315 16.37 20.51 -3.01
CA ASP A 315 17.46 20.82 -3.94
C ASP A 315 18.61 19.86 -3.66
N LEU A 316 18.68 18.78 -4.45
CA LEU A 316 19.77 17.81 -4.35
C LEU A 316 19.97 17.17 -5.72
N LYS A 317 20.96 17.69 -6.44
CA LYS A 317 21.19 17.38 -7.84
C LYS A 317 21.66 15.95 -8.09
N PHE A 318 21.53 15.56 -9.37
CA PHE A 318 22.03 14.28 -9.86
C PHE A 318 23.49 14.05 -9.51
N LYS A 319 24.27 15.13 -9.43
CA LYS A 319 25.70 14.99 -9.21
C LYS A 319 25.99 14.15 -7.98
N ILE A 320 25.30 14.44 -6.88
CA ILE A 320 25.51 13.67 -5.66
C ILE A 320 25.02 12.25 -5.84
N ILE A 321 23.97 12.04 -6.64
CA ILE A 321 23.45 10.70 -6.83
C ILE A 321 24.49 9.82 -7.55
N VAL A 322 24.98 10.27 -8.71
CA VAL A 322 25.81 9.37 -9.52
C VAL A 322 27.13 9.08 -8.82
N THR A 323 27.74 10.09 -8.23
CA THR A 323 28.99 9.83 -7.51
C THR A 323 28.79 8.82 -6.41
N ALA A 324 27.69 8.95 -5.65
CA ALA A 324 27.39 7.99 -4.59
C ALA A 324 27.05 6.61 -5.16
N TYR A 325 26.53 6.56 -6.40
CA TYR A 325 26.15 5.27 -7.01
C TYR A 325 27.36 4.48 -7.49
N LYS A 326 28.43 5.15 -7.89
CA LYS A 326 29.65 4.43 -8.26
C LYS A 326 30.11 3.55 -7.12
N ASP A 327 29.63 3.82 -5.92
CA ASP A 327 29.97 3.07 -4.72
C ASP A 327 29.11 1.84 -4.50
N LEU A 328 28.14 1.53 -5.40
CA LEU A 328 27.44 0.27 -5.23
C LEU A 328 28.30 -0.91 -5.69
N PRO A 329 28.12 -2.06 -5.06
CA PRO A 329 29.04 -3.19 -5.24
C PRO A 329 29.40 -3.59 -6.65
N HIS A 330 28.57 -3.27 -7.62
CA HIS A 330 28.86 -3.66 -8.99
C HIS A 330 28.71 -2.51 -9.94
N ALA A 331 28.56 -1.29 -9.43
CA ALA A 331 28.34 -0.14 -10.29
C ALA A 331 29.48 0.06 -11.27
N VAL A 332 29.10 0.30 -12.51
CA VAL A 332 29.99 0.72 -13.60
C VAL A 332 29.46 2.08 -14.02
N GLN A 333 30.36 3.02 -14.30
CA GLN A 333 29.86 4.36 -14.50
C GLN A 333 29.07 4.47 -15.80
N GLU A 334 29.29 3.53 -16.71
CA GLU A 334 28.49 3.44 -17.93
C GLU A 334 26.99 3.34 -17.61
N THR A 335 26.63 2.80 -16.45
CA THR A 335 25.21 2.68 -16.11
C THR A 335 24.52 4.04 -16.17
N PHE A 336 25.26 5.12 -15.88
CA PHE A 336 24.71 6.47 -15.97
C PHE A 336 25.41 7.37 -16.98
N LYS A 337 26.58 6.99 -17.50
CA LYS A 337 27.20 7.78 -18.56
C LYS A 337 26.64 7.43 -19.94
N ARG A 338 26.19 6.20 -20.12
CA ARG A 338 25.69 5.73 -21.42
C ARG A 338 24.28 5.17 -21.18
N VAL A 339 23.29 6.05 -21.35
CA VAL A 339 21.88 5.76 -21.13
C VAL A 339 21.15 6.03 -22.44
N LEU A 340 20.26 5.13 -22.83
CA LEU A 340 19.49 5.24 -24.07
C LEU A 340 18.33 6.21 -23.93
N ILE A 341 18.11 7.08 -24.93
CA ILE A 341 16.96 8.04 -24.93
C ILE A 341 15.87 7.48 -25.86
N LYS A 342 16.02 7.50 -27.18
CA LYS A 342 14.99 7.01 -28.13
C LYS A 342 15.64 6.58 -29.43
N GLU A 343 15.02 5.67 -30.18
CA GLU A 343 15.40 5.23 -31.54
C GLU A 343 16.92 5.01 -31.68
N GLU A 344 17.52 4.30 -30.73
CA GLU A 344 18.96 3.86 -30.68
C GLU A 344 19.91 5.07 -30.56
N GLU A 345 19.47 6.16 -29.93
CA GLU A 345 20.33 7.37 -29.71
C GLU A 345 20.68 7.44 -28.22
N TYR A 346 21.96 7.60 -27.85
CA TYR A 346 22.38 7.52 -26.46
C TYR A 346 22.95 8.85 -25.94
N ASP A 347 22.74 9.09 -24.64
CA ASP A 347 23.14 10.32 -23.94
C ASP A 347 23.24 10.00 -22.44
N SER A 348 23.60 10.99 -21.63
CA SER A 348 23.77 10.73 -20.20
C SER A 348 22.42 10.70 -19.49
N ILE A 349 22.45 10.27 -18.22
CA ILE A 349 21.20 10.02 -17.52
C ILE A 349 20.44 11.31 -17.27
N ILE A 350 21.14 12.44 -17.14
CA ILE A 350 20.42 13.68 -16.89
C ILE A 350 19.53 14.00 -18.09
N VAL A 351 19.90 13.49 -19.28
CA VAL A 351 19.09 13.68 -20.47
C VAL A 351 17.92 12.71 -20.51
N PHE A 352 18.11 11.47 -20.08
CA PHE A 352 17.01 10.51 -20.02
C PHE A 352 15.90 11.01 -19.11
N TYR A 353 16.26 11.53 -17.94
CA TYR A 353 15.26 12.01 -16.99
C TYR A 353 14.40 13.10 -17.62
N ASN A 354 15.02 14.00 -18.38
CA ASN A 354 14.28 15.14 -18.92
C ASN A 354 13.45 14.74 -20.14
N SER A 355 14.00 13.93 -21.06
CA SER A 355 13.33 13.70 -22.34
C SER A 355 12.43 12.48 -22.41
N VAL A 356 12.66 11.46 -21.59
CA VAL A 356 11.90 10.21 -21.65
C VAL A 356 11.12 9.98 -20.37
N PHE A 357 11.76 10.18 -19.22
CA PHE A 357 11.11 9.86 -17.96
C PHE A 357 9.94 10.79 -17.69
N MET A 358 10.14 12.11 -17.82
CA MET A 358 9.08 13.05 -17.49
C MET A 358 7.93 13.01 -18.49
N GLN A 359 8.22 12.72 -19.77
CA GLN A 359 7.14 12.58 -20.75
C GLN A 359 6.01 11.73 -20.20
N ARG A 360 6.37 10.60 -19.61
CA ARG A 360 5.41 9.60 -19.17
C ARG A 360 4.83 9.87 -17.78
N LEU A 361 5.62 10.40 -16.85
CA LEU A 361 5.24 10.37 -15.45
C LEU A 361 4.86 11.72 -14.89
N LYS A 362 4.77 12.74 -15.74
CA LYS A 362 4.46 14.05 -15.20
C LYS A 362 3.13 13.99 -14.46
N THR A 363 2.13 13.33 -15.05
CA THR A 363 0.91 13.03 -14.32
C THR A 363 1.23 12.29 -13.03
N ASN A 364 2.05 11.24 -13.11
CA ASN A 364 2.30 10.40 -11.95
C ASN A 364 3.09 11.11 -10.86
N ILE A 365 4.18 11.79 -11.22
CA ILE A 365 5.06 12.30 -10.17
C ILE A 365 4.40 13.47 -9.45
N LEU A 366 3.73 14.34 -10.21
CA LEU A 366 3.06 15.50 -9.61
C LEU A 366 1.95 15.07 -8.65
N GLN A 367 1.46 13.84 -8.78
CA GLN A 367 0.45 13.34 -7.87
C GLN A 367 0.94 13.37 -6.43
N TYR A 368 2.24 13.18 -6.23
CA TYR A 368 2.89 13.08 -4.93
C TYR A 368 2.96 14.39 -4.16
N ALA A 369 2.66 15.52 -4.80
CA ALA A 369 2.73 16.82 -4.14
C ALA A 369 1.37 17.41 -3.77
N SER A 370 0.28 16.79 -4.17
CA SER A 370 -1.03 17.37 -3.94
C SER A 370 -1.47 16.99 -2.54
N THR A 371 -2.71 17.32 -2.21
CA THR A 371 -3.27 17.01 -0.91
C THR A 371 -3.70 15.56 -0.74
N ARG A 372 -3.83 14.81 -1.83
CA ARG A 372 -4.16 13.38 -1.79
C ARG A 372 -3.14 12.63 -2.64
N PRO A 373 -1.93 12.43 -2.13
CA PRO A 373 -0.87 11.77 -2.91
C PRO A 373 -1.14 10.28 -3.02
N PRO A 374 -0.56 9.60 -4.02
CA PRO A 374 -0.86 8.18 -4.19
C PRO A 374 -0.48 7.41 -2.94
N THR A 375 -1.20 6.33 -2.67
CA THR A 375 -0.92 5.52 -1.50
C THR A 375 0.38 4.76 -1.63
N LEU A 376 1.01 4.51 -0.48
CA LEU A 376 2.34 3.93 -0.42
C LEU A 376 2.32 2.44 -0.76
N ALA A 377 3.32 2.01 -1.56
CA ALA A 377 3.46 0.64 -2.03
C ALA A 377 4.09 -0.25 -0.96
N PRO A 378 3.74 -1.54 -0.93
CA PRO A 378 4.36 -2.44 0.05
C PRO A 378 5.86 -2.57 -0.14
N ILE A 379 6.58 -2.68 0.97
CA ILE A 379 8.00 -2.97 0.92
C ILE A 379 8.19 -4.48 0.70
N PRO A 380 8.98 -4.92 -0.26
CA PRO A 380 9.08 -6.36 -0.54
C PRO A 380 9.75 -7.15 0.59
N HIS A 381 9.16 -8.30 0.92
CA HIS A 381 9.58 -9.11 2.07
C HIS A 381 11.01 -9.63 2.00
N ILE B 6 -25.69 28.96 -5.97
CA ILE B 6 -25.09 29.67 -4.81
C ILE B 6 -26.05 30.81 -4.46
N GLN B 7 -27.31 30.49 -4.15
CA GLN B 7 -28.37 31.55 -4.04
C GLN B 7 -29.29 31.62 -2.82
N GLN B 8 -29.02 31.11 -1.61
CA GLN B 8 -29.97 31.42 -0.51
C GLN B 8 -29.16 32.06 0.64
N LEU B 9 -28.52 31.27 1.54
CA LEU B 9 -27.74 31.78 2.69
C LEU B 9 -26.46 32.40 2.15
N MET B 10 -25.90 31.83 1.08
CA MET B 10 -24.72 32.34 0.36
C MET B 10 -24.94 33.80 -0.06
N MET B 11 -26.17 34.20 -0.34
CA MET B 11 -26.42 35.62 -0.55
C MET B 11 -26.51 36.38 0.76
N ILE B 12 -27.19 35.82 1.78
CA ILE B 12 -27.24 36.49 3.08
C ILE B 12 -25.82 36.80 3.53
N LEU B 13 -24.90 35.90 3.21
CA LEU B 13 -23.51 36.09 3.57
C LEU B 13 -22.90 37.24 2.78
N ASN B 14 -23.19 37.31 1.47
CA ASN B 14 -22.68 38.40 0.66
C ASN B 14 -23.26 39.73 1.09
N SER B 15 -24.42 39.72 1.77
CA SER B 15 -25.05 40.91 2.29
C SER B 15 -24.54 41.37 3.65
N ALA B 16 -23.85 40.49 4.41
CA ALA B 16 -23.58 40.71 5.83
C ALA B 16 -22.29 41.50 6.05
N SER B 17 -22.15 41.98 7.27
CA SER B 17 -20.95 42.71 7.64
C SER B 17 -19.88 41.74 8.12
N ASP B 18 -18.64 42.19 8.03
CA ASP B 18 -17.54 41.35 8.44
C ASP B 18 -17.36 41.35 9.96
N GLN B 19 -18.16 42.12 10.66
CA GLN B 19 -18.02 42.25 12.09
C GLN B 19 -19.15 41.53 12.80
N PRO B 20 -18.97 41.28 14.11
CA PRO B 20 -20.06 40.66 14.86
C PRO B 20 -21.26 41.56 14.86
N SER B 21 -22.42 40.95 14.96
CA SER B 21 -23.63 41.70 15.11
C SER B 21 -23.58 42.46 16.41
N GLU B 22 -24.56 43.37 16.56
CA GLU B 22 -24.75 44.08 17.82
C GLU B 22 -25.27 43.14 18.89
N ASN B 23 -26.07 42.15 18.50
CA ASN B 23 -26.53 41.17 19.47
C ASN B 23 -25.38 40.35 20.04
N LEU B 24 -24.52 39.81 19.17
CA LEU B 24 -23.37 39.04 19.65
C LEU B 24 -22.58 39.86 20.66
N ILE B 25 -22.37 41.14 20.34
CA ILE B 25 -21.57 41.99 21.19
C ILE B 25 -22.24 42.15 22.54
N SER B 26 -23.57 42.18 22.57
CA SER B 26 -24.23 42.17 23.86
C SER B 26 -23.84 40.92 24.60
N TYR B 27 -23.98 39.76 23.95
CA TYR B 27 -23.55 38.52 24.56
C TYR B 27 -22.13 38.65 25.05
N PHE B 28 -21.25 39.19 24.22
CA PHE B 28 -19.89 39.35 24.67
C PHE B 28 -19.81 40.22 25.93
N ASN B 29 -20.68 41.22 26.06
CA ASN B 29 -20.57 42.16 27.19
C ASN B 29 -21.19 41.62 28.48
N ASN B 30 -22.11 40.68 28.36
CA ASN B 30 -22.69 39.97 29.48
C ASN B 30 -21.80 38.87 30.04
N CYS B 31 -20.63 38.64 29.45
CA CYS B 31 -19.73 37.62 29.99
C CYS B 31 -18.94 38.15 31.19
N THR B 32 -18.60 37.23 32.08
CA THR B 32 -17.78 37.59 33.22
C THR B 32 -16.38 37.95 32.77
N VAL B 33 -15.85 37.21 31.80
CA VAL B 33 -14.64 37.54 31.07
C VAL B 33 -15.08 37.85 29.65
N ASN B 34 -14.97 39.09 29.25
CA ASN B 34 -15.44 39.50 27.91
C ASN B 34 -14.63 38.86 26.81
N PRO B 35 -15.24 38.04 25.95
CA PRO B 35 -14.45 37.28 24.97
C PRO B 35 -14.11 38.04 23.71
N LYS B 36 -14.70 39.24 23.51
CA LYS B 36 -14.66 39.87 22.20
C LYS B 36 -13.25 39.93 21.66
N GLU B 37 -12.31 40.30 22.51
CA GLU B 37 -10.95 40.52 22.07
C GLU B 37 -10.31 39.22 21.62
N SER B 38 -10.53 38.14 22.37
CA SER B 38 -9.94 36.87 21.98
C SER B 38 -10.60 36.34 20.70
N ILE B 39 -11.91 36.50 20.61
CA ILE B 39 -12.63 36.09 19.41
C ILE B 39 -12.04 36.79 18.19
N LEU B 40 -11.90 38.12 18.25
CA LEU B 40 -11.41 38.86 17.08
C LEU B 40 -9.98 38.49 16.73
N LYS B 41 -9.09 38.45 17.72
CA LYS B 41 -7.72 38.08 17.42
C LYS B 41 -7.66 36.69 16.80
N ARG B 42 -8.48 35.79 17.32
CA ARG B 42 -8.48 34.41 16.81
C ARG B 42 -8.89 34.45 15.34
N VAL B 43 -9.96 35.14 15.00
CA VAL B 43 -10.36 35.24 13.58
C VAL B 43 -9.23 35.81 12.74
N LYS B 44 -8.62 36.90 13.22
CA LYS B 44 -7.51 37.53 12.49
C LYS B 44 -6.39 36.53 12.27
N ASP B 45 -5.94 35.88 13.34
CA ASP B 45 -4.80 34.99 13.21
C ASP B 45 -5.10 33.82 12.30
N ILE B 46 -6.29 33.21 12.46
CA ILE B 46 -6.64 32.10 11.58
C ILE B 46 -6.73 32.61 10.14
N GLY B 47 -7.22 33.84 9.97
CA GLY B 47 -7.25 34.45 8.66
C GLY B 47 -5.94 34.30 7.91
N TYR B 48 -4.84 34.66 8.56
CA TYR B 48 -3.56 34.57 7.88
C TYR B 48 -3.29 33.13 7.45
N ILE B 49 -3.39 32.19 8.40
CA ILE B 49 -3.01 30.81 8.12
C ILE B 49 -3.91 30.18 7.08
N PHE B 50 -5.21 30.44 7.18
CA PHE B 50 -6.10 29.85 6.20
C PHE B 50 -5.71 30.31 4.80
N LYS B 51 -5.58 31.63 4.63
CA LYS B 51 -5.27 32.19 3.32
C LYS B 51 -3.93 31.66 2.80
N GLU B 52 -2.95 31.53 3.69
CA GLU B 52 -1.67 30.95 3.30
C GLU B 52 -1.84 29.52 2.86
N LYS B 53 -2.32 28.66 3.75
CA LYS B 53 -2.44 27.25 3.39
C LYS B 53 -3.35 27.07 2.17
N PHE B 54 -4.34 27.94 2.00
CA PHE B 54 -5.23 27.80 0.86
C PHE B 54 -4.47 27.95 -0.45
N ALA B 55 -3.67 29.02 -0.57
CA ALA B 55 -2.87 29.21 -1.78
C ALA B 55 -1.78 28.17 -1.89
N LYS B 56 -1.30 27.64 -0.76
CA LYS B 56 -0.34 26.55 -0.87
C LYS B 56 -0.96 25.30 -1.49
N ALA B 57 -2.25 25.32 -1.78
CA ALA B 57 -2.89 24.14 -2.31
C ALA B 57 -3.49 24.35 -3.70
N VAL B 58 -4.02 25.53 -3.99
CA VAL B 58 -4.61 25.77 -5.30
C VAL B 58 -3.66 26.52 -6.21
N GLY B 59 -2.70 27.26 -5.67
CA GLY B 59 -1.65 27.89 -6.42
C GLY B 59 -1.42 29.31 -5.94
N GLN B 60 -0.85 30.14 -6.82
CA GLN B 60 -0.37 31.49 -6.49
C GLN B 60 -1.32 32.62 -6.89
N GLY B 61 -2.01 32.50 -8.02
CA GLY B 61 -2.79 33.61 -8.50
C GLY B 61 -4.20 33.75 -7.94
N CYS B 62 -4.49 33.07 -6.83
CA CYS B 62 -5.85 33.01 -6.30
C CYS B 62 -5.91 33.30 -4.82
N VAL B 63 -4.84 33.82 -4.21
CA VAL B 63 -4.88 34.04 -2.77
C VAL B 63 -6.07 34.92 -2.40
N GLU B 64 -6.54 35.76 -3.32
CA GLU B 64 -7.75 36.54 -3.07
C GLU B 64 -9.01 35.69 -3.17
N ILE B 65 -8.92 34.49 -3.78
CA ILE B 65 -10.00 33.52 -3.64
C ILE B 65 -9.99 32.98 -2.21
N GLY B 66 -8.82 32.49 -1.77
CA GLY B 66 -8.65 32.10 -0.37
C GLY B 66 -9.17 33.15 0.60
N SER B 67 -8.80 34.40 0.36
CA SER B 67 -9.28 35.49 1.20
C SER B 67 -10.79 35.62 1.11
N GLN B 68 -11.38 35.37 -0.04
CA GLN B 68 -12.80 35.60 -0.19
C GLN B 68 -13.60 34.45 0.46
N ARG B 69 -13.12 33.21 0.29
CA ARG B 69 -13.71 32.07 1.01
C ARG B 69 -13.75 32.34 2.51
N TYR B 70 -12.60 32.73 3.08
CA TYR B 70 -12.49 32.96 4.51
C TYR B 70 -13.41 34.06 5.00
N LYS B 71 -13.68 35.05 4.16
CA LYS B 71 -14.49 36.18 4.60
C LYS B 71 -15.95 35.76 4.74
N LEU B 72 -16.41 34.88 3.85
CA LEU B 72 -17.75 34.32 3.96
C LEU B 72 -17.82 33.38 5.15
N GLY B 73 -16.81 32.53 5.32
CA GLY B 73 -16.61 31.76 6.54
C GLY B 73 -16.89 32.54 7.80
N VAL B 74 -16.22 33.69 7.92
CA VAL B 74 -16.34 34.44 9.14
C VAL B 74 -17.74 34.96 9.33
N ARG B 75 -18.36 35.36 8.25
CA ARG B 75 -19.71 35.90 8.38
C ARG B 75 -20.67 34.80 8.76
N LEU B 76 -20.46 33.62 8.16
CA LEU B 76 -21.22 32.44 8.54
C LEU B 76 -20.96 32.14 9.99
N TYR B 77 -19.66 32.13 10.37
CA TYR B 77 -19.24 31.88 11.76
C TYR B 77 -20.01 32.74 12.74
N TYR B 78 -20.01 34.07 12.55
CA TYR B 78 -20.71 34.91 13.53
C TYR B 78 -22.20 34.68 13.46
N ARG B 79 -22.71 34.43 12.27
CA ARG B 79 -24.16 34.25 12.07
C ARG B 79 -24.58 33.04 12.89
N VAL B 80 -23.91 31.92 12.72
CA VAL B 80 -24.28 30.73 13.48
C VAL B 80 -24.03 30.93 14.97
N MET B 81 -22.86 31.47 15.32
CA MET B 81 -22.57 31.71 16.74
C MET B 81 -23.75 32.38 17.43
N GLU B 82 -24.31 33.43 16.80
CA GLU B 82 -25.36 34.19 17.46
C GLU B 82 -26.62 33.38 17.63
N SER B 83 -27.00 32.67 16.56
CA SER B 83 -28.14 31.77 16.63
C SER B 83 -27.96 30.73 17.73
N MET B 84 -26.78 30.14 17.80
CA MET B 84 -26.49 29.07 18.76
C MET B 84 -26.54 29.67 20.15
N LEU B 85 -25.92 30.83 20.35
CA LEU B 85 -25.94 31.43 21.68
C LEU B 85 -27.37 31.73 22.11
N LYS B 86 -28.26 31.92 21.14
CA LYS B 86 -29.62 32.29 21.47
C LYS B 86 -30.40 31.09 21.98
N SER B 87 -30.15 29.89 21.43
CA SER B 87 -30.81 28.71 21.96
C SER B 87 -30.27 28.33 23.33
N GLU B 88 -29.01 28.66 23.64
CA GLU B 88 -28.42 28.21 24.89
C GLU B 88 -28.79 29.07 26.08
N GLU B 89 -29.42 30.23 25.86
CA GLU B 89 -29.68 31.05 27.03
C GLU B 89 -30.76 30.44 27.89
N GLU B 90 -31.61 29.56 27.37
CA GLU B 90 -32.51 28.85 28.27
C GLU B 90 -31.83 27.66 28.93
N ARG B 91 -30.65 27.26 28.45
CA ARG B 91 -29.97 26.05 28.93
C ARG B 91 -28.78 26.30 29.87
N LEU B 92 -27.99 27.34 29.61
CA LEU B 92 -26.70 27.56 30.24
C LEU B 92 -26.74 28.73 31.21
N SER B 93 -25.96 28.63 32.29
CA SER B 93 -25.76 29.73 33.21
C SER B 93 -24.92 30.83 32.56
N ILE B 94 -24.97 32.04 33.14
CA ILE B 94 -24.07 33.11 32.69
C ILE B 94 -22.62 32.61 32.78
N GLN B 95 -22.33 31.84 33.82
CA GLN B 95 -20.95 31.38 33.93
C GLN B 95 -20.61 30.43 32.80
N ASN B 96 -21.56 29.59 32.42
CA ASN B 96 -21.36 28.70 31.28
C ASN B 96 -21.12 29.51 30.01
N PHE B 97 -21.99 30.50 29.73
CA PHE B 97 -21.83 31.31 28.53
C PHE B 97 -20.42 31.83 28.44
N SER B 98 -19.90 32.32 29.56
CA SER B 98 -18.63 33.00 29.53
C SER B 98 -17.50 32.03 29.22
N LYS B 99 -17.45 30.90 29.91
CA LYS B 99 -16.44 29.92 29.58
C LYS B 99 -16.61 29.47 28.14
N LEU B 100 -17.86 29.11 27.76
CA LEU B 100 -18.05 28.75 26.37
C LEU B 100 -17.40 29.77 25.46
N LEU B 101 -17.73 31.06 25.67
CA LEU B 101 -17.24 32.05 24.71
C LEU B 101 -15.75 32.30 24.82
N ASN B 102 -15.09 31.85 25.86
CA ASN B 102 -13.63 31.97 25.87
C ASN B 102 -12.91 30.70 25.51
N ASP B 103 -13.64 29.68 25.02
CA ASP B 103 -13.05 28.37 24.74
C ASP B 103 -12.49 28.33 23.33
N ASN B 104 -11.19 28.10 23.24
CA ASN B 104 -10.60 28.10 21.91
C ASN B 104 -11.20 27.00 21.03
N ILE B 105 -11.48 25.83 21.62
CA ILE B 105 -11.81 24.69 20.77
C ILE B 105 -13.22 24.83 20.18
N PHE B 106 -14.16 25.35 20.96
CA PHE B 106 -15.46 25.72 20.45
C PHE B 106 -15.37 26.66 19.28
N HIS B 107 -14.63 27.78 19.43
CA HIS B 107 -14.53 28.75 18.37
C HIS B 107 -13.87 28.16 17.17
N MET B 108 -12.81 27.46 17.39
CA MET B 108 -12.12 26.83 16.26
C MET B 108 -13.04 25.87 15.52
N SER B 109 -13.92 25.16 16.23
CA SER B 109 -14.75 24.11 15.61
C SER B 109 -15.90 24.76 14.87
N LEU B 110 -16.42 25.82 15.45
CA LEU B 110 -17.47 26.60 14.83
C LEU B 110 -16.97 27.22 13.54
N LEU B 111 -15.77 27.78 13.59
CA LEU B 111 -15.21 28.46 12.45
C LEU B 111 -14.82 27.48 11.38
N ALA B 112 -14.19 26.37 11.78
CA ALA B 112 -13.82 25.37 10.78
C ALA B 112 -15.07 24.80 10.07
N CYS B 113 -16.20 24.75 10.76
CA CYS B 113 -17.39 24.17 10.18
C CYS B 113 -18.04 25.20 9.28
N ALA B 114 -18.09 26.48 9.71
CA ALA B 114 -18.49 27.57 8.81
C ALA B 114 -17.62 27.52 7.57
N LEU B 115 -16.34 27.42 7.77
CA LEU B 115 -15.46 27.38 6.61
C LEU B 115 -15.76 26.17 5.72
N GLU B 116 -15.99 24.98 6.28
CA GLU B 116 -16.17 23.80 5.43
C GLU B 116 -17.40 23.97 4.53
N VAL B 117 -18.46 24.58 5.05
CA VAL B 117 -19.62 24.87 4.26
C VAL B 117 -19.24 25.72 3.06
N VAL B 118 -18.43 26.75 3.27
CA VAL B 118 -18.03 27.64 2.18
C VAL B 118 -17.21 26.89 1.15
N MET B 119 -16.09 26.32 1.57
CA MET B 119 -15.30 25.52 0.64
C MET B 119 -16.18 24.59 -0.21
N ALA B 120 -17.09 23.84 0.47
CA ALA B 120 -17.84 22.76 -0.17
C ALA B 120 -18.83 23.29 -1.20
N THR B 121 -19.47 24.43 -0.89
CA THR B 121 -20.31 25.14 -1.82
C THR B 121 -19.58 25.43 -3.13
N TYR B 122 -18.27 25.71 -3.07
CA TYR B 122 -17.43 25.98 -4.24
C TYR B 122 -16.75 24.74 -4.84
N SER B 123 -17.25 23.54 -4.54
CA SER B 123 -16.63 22.31 -5.07
C SER B 123 -15.13 22.36 -4.89
N ASP B 135 -7.00 18.48 -3.63
CA ASP B 135 -8.32 18.67 -3.05
C ASP B 135 -8.24 19.38 -1.71
N LEU B 136 -9.18 20.29 -1.51
CA LEU B 136 -9.42 20.89 -0.20
C LEU B 136 -10.65 20.27 0.44
N SER B 137 -10.99 19.05 0.05
CA SER B 137 -12.14 18.43 0.69
C SER B 137 -11.72 18.03 2.11
N PHE B 138 -12.70 18.07 2.98
CA PHE B 138 -12.66 17.60 4.35
C PHE B 138 -11.96 16.26 4.32
N PRO B 139 -11.01 16.00 5.25
CA PRO B 139 -10.66 16.81 6.43
C PRO B 139 -9.53 17.85 6.27
N TRP B 140 -9.40 18.42 5.08
CA TRP B 140 -8.35 19.38 4.82
C TRP B 140 -8.36 20.48 5.85
N ILE B 141 -9.53 21.05 6.12
CA ILE B 141 -9.65 22.22 6.97
C ILE B 141 -9.20 21.92 8.39
N LEU B 142 -9.35 20.66 8.80
CA LEU B 142 -8.92 20.24 10.11
C LEU B 142 -7.41 20.16 10.15
N ASN B 143 -6.80 19.73 9.05
CA ASN B 143 -5.35 19.68 8.96
C ASN B 143 -4.75 21.09 8.99
N VAL B 144 -5.41 22.05 8.35
CA VAL B 144 -4.82 23.38 8.35
C VAL B 144 -5.00 24.05 9.69
N LEU B 145 -6.02 23.67 10.47
CA LEU B 145 -6.27 24.36 11.72
C LEU B 145 -5.78 23.59 12.94
N ASN B 146 -5.05 22.49 12.73
CA ASN B 146 -4.57 21.65 13.81
C ASN B 146 -5.68 21.34 14.81
N LEU B 147 -6.82 20.98 14.24
CA LEU B 147 -8.04 20.70 14.99
C LEU B 147 -8.33 19.20 14.87
N LYS B 148 -8.46 18.55 16.02
CA LYS B 148 -8.75 17.10 16.06
C LYS B 148 -10.17 16.75 15.55
N ALA B 149 -10.26 15.67 14.83
CA ALA B 149 -11.54 15.28 14.25
C ALA B 149 -12.61 15.12 15.31
N PHE B 150 -12.24 14.54 16.47
CA PHE B 150 -13.23 14.30 17.53
C PHE B 150 -13.68 15.59 18.19
N ASP B 151 -12.81 16.59 18.30
CA ASP B 151 -13.27 17.90 18.82
C ASP B 151 -14.23 18.60 17.83
N PHE B 152 -13.94 18.50 16.56
CA PHE B 152 -14.76 19.11 15.53
C PHE B 152 -16.15 18.49 15.48
N TYR B 153 -16.22 17.15 15.50
CA TYR B 153 -17.49 16.42 15.44
C TYR B 153 -18.50 17.02 16.40
N LYS B 154 -18.03 17.52 17.54
CA LYS B 154 -18.99 17.97 18.57
C LYS B 154 -19.84 19.15 18.15
N VAL B 155 -19.41 19.92 17.18
CA VAL B 155 -20.21 21.08 16.75
C VAL B 155 -21.26 20.81 15.67
N ILE B 156 -21.18 19.68 14.93
CA ILE B 156 -21.86 19.57 13.62
C ILE B 156 -23.37 19.59 13.76
N LYS B 157 -23.92 18.73 14.57
CA LYS B 157 -25.38 18.70 14.78
C LYS B 157 -25.87 20.05 15.27
N SER B 158 -25.15 20.73 16.14
CA SER B 158 -25.70 21.99 16.61
C SER B 158 -25.55 23.06 15.53
N PHE B 159 -24.49 23.00 14.75
CA PHE B 159 -24.31 23.96 13.67
C PHE B 159 -25.50 23.90 12.71
N ILE B 160 -25.81 22.68 12.22
CA ILE B 160 -26.97 22.42 11.40
C ILE B 160 -28.23 22.99 12.02
N LYS B 161 -28.49 22.68 13.28
CA LYS B 161 -29.77 23.10 13.87
C LYS B 161 -29.84 24.61 13.96
N ALA B 162 -28.70 25.30 14.05
CA ALA B 162 -28.75 26.75 14.24
C ALA B 162 -28.72 27.56 12.95
N GLU B 163 -28.46 26.91 11.80
CA GLU B 163 -28.45 27.57 10.49
C GLU B 163 -29.57 26.91 9.65
N GLY B 164 -30.79 27.40 9.82
CA GLY B 164 -31.97 26.99 9.06
C GLY B 164 -31.91 27.22 7.55
N ASN B 165 -30.90 27.91 7.04
CA ASN B 165 -30.81 28.14 5.62
C ASN B 165 -29.88 27.20 4.91
N LEU B 166 -29.36 26.22 5.60
CA LEU B 166 -28.47 25.28 4.91
C LEU B 166 -29.28 24.55 3.84
N THR B 167 -28.66 24.35 2.68
CA THR B 167 -29.30 23.59 1.65
C THR B 167 -29.26 22.13 2.03
N ARG B 168 -30.08 21.33 1.36
CA ARG B 168 -30.08 19.87 1.46
C ARG B 168 -28.69 19.33 1.15
N GLU B 169 -27.99 19.75 0.10
CA GLU B 169 -26.74 19.09 -0.24
C GLU B 169 -25.71 19.35 0.85
N MET B 170 -25.85 20.48 1.55
CA MET B 170 -24.86 20.97 2.51
C MET B 170 -24.97 20.19 3.80
N ILE B 171 -26.19 20.09 4.32
CA ILE B 171 -26.49 19.14 5.38
C ILE B 171 -25.89 17.79 5.07
N LYS B 172 -26.18 17.25 3.89
CA LYS B 172 -25.67 15.94 3.57
C LYS B 172 -24.17 15.93 3.65
N HIS B 173 -23.53 17.05 3.27
CA HIS B 173 -22.09 17.08 3.26
C HIS B 173 -21.53 17.06 4.69
N LEU B 174 -22.10 17.91 5.55
CA LEU B 174 -21.74 17.92 6.94
C LEU B 174 -22.02 16.58 7.61
N GLU B 175 -23.16 15.95 7.30
CA GLU B 175 -23.44 14.64 7.90
C GLU B 175 -22.45 13.61 7.42
N ARG B 176 -22.02 13.71 6.15
CA ARG B 176 -20.98 12.81 5.69
C ARG B 176 -19.66 13.07 6.45
N CYS B 177 -19.34 14.33 6.70
CA CYS B 177 -18.11 14.71 7.45
C CYS B 177 -18.21 14.06 8.81
N GLU B 178 -19.39 14.11 9.38
CA GLU B 178 -19.60 13.50 10.68
C GLU B 178 -19.33 12.02 10.47
N HIS B 179 -19.90 11.34 9.48
CA HIS B 179 -19.76 9.88 9.19
C HIS B 179 -18.30 9.52 9.15
N ARG B 180 -17.52 10.36 8.53
CA ARG B 180 -16.11 10.05 8.32
C ARG B 180 -15.37 10.11 9.62
N ILE B 181 -15.74 11.03 10.50
CA ILE B 181 -15.14 11.09 11.82
C ILE B 181 -15.50 9.85 12.65
N MET B 182 -16.78 9.47 12.67
CA MET B 182 -17.28 8.28 13.41
C MET B 182 -16.67 7.00 12.88
N GLU B 183 -16.42 6.94 11.59
CA GLU B 183 -15.92 5.68 11.04
C GLU B 183 -14.42 5.54 11.16
N SER B 184 -13.65 6.66 11.24
CA SER B 184 -12.22 6.47 11.12
C SER B 184 -11.45 7.61 11.74
N LEU B 185 -11.84 8.86 11.42
CA LEU B 185 -10.95 9.94 11.81
C LEU B 185 -10.84 10.08 13.32
N ALA B 186 -11.95 9.91 14.05
CA ALA B 186 -11.84 9.95 15.50
C ALA B 186 -11.01 8.80 16.04
N TRP B 187 -10.76 7.77 15.27
CA TRP B 187 -10.04 6.62 15.76
C TRP B 187 -8.57 6.65 15.37
N LEU B 188 -8.08 7.71 14.73
CA LEU B 188 -6.66 7.84 14.45
C LEU B 188 -5.88 7.86 15.76
N SER B 189 -4.66 7.34 15.72
CA SER B 189 -3.80 7.46 16.90
C SER B 189 -3.68 8.92 17.31
N ASP B 190 -3.59 9.20 18.59
CA ASP B 190 -3.55 10.56 19.10
C ASP B 190 -4.89 11.27 19.08
N SER B 191 -5.92 10.64 18.64
CA SER B 191 -7.21 11.25 18.84
C SER B 191 -7.45 11.28 20.34
N PRO B 192 -7.96 12.39 20.86
CA PRO B 192 -8.44 12.36 22.26
C PRO B 192 -9.51 11.35 22.59
N LEU B 193 -10.14 10.70 21.64
CA LEU B 193 -11.18 9.75 22.00
C LEU B 193 -10.63 8.66 22.91
N PHE B 194 -9.39 8.19 22.64
CA PHE B 194 -8.85 7.05 23.37
C PHE B 194 -8.62 7.38 24.83
N ASP B 195 -8.08 8.56 25.10
CA ASP B 195 -7.90 9.05 26.47
C ASP B 195 -9.21 9.10 27.17
N LEU B 196 -10.25 9.48 26.42
CA LEU B 196 -11.58 9.59 27.00
C LEU B 196 -12.16 8.20 27.27
N ILE B 197 -11.89 7.23 26.39
CA ILE B 197 -12.36 5.87 26.67
C ILE B 197 -11.65 5.36 27.92
N LYS B 198 -10.32 5.52 27.96
CA LYS B 198 -9.53 5.08 29.11
C LYS B 198 -9.97 5.76 30.41
N GLN B 199 -10.11 7.08 30.41
CA GLN B 199 -10.57 7.72 31.64
C GLN B 199 -11.86 7.08 32.13
N SER B 200 -12.79 6.83 31.22
CA SER B 200 -14.11 6.27 31.58
C SER B 200 -13.99 4.87 32.20
N LYS B 201 -13.21 3.98 31.59
CA LYS B 201 -13.05 2.66 32.16
C LYS B 201 -12.38 2.74 33.56
N ASP B 202 -11.27 3.47 33.66
CA ASP B 202 -10.54 3.57 34.93
C ASP B 202 -11.35 4.21 36.03
N ARG B 203 -12.30 5.05 35.70
CA ARG B 203 -13.06 5.70 36.76
C ARG B 203 -14.30 4.93 37.13
N GLU B 204 -14.55 3.81 36.49
CA GLU B 204 -15.80 3.08 36.73
C GLU B 204 -15.61 2.04 37.83
N GLY B 205 -16.29 2.21 38.97
CA GLY B 205 -16.32 1.23 40.06
C GLY B 205 -17.30 0.11 39.81
N PRO B 206 -17.27 -1.00 40.59
CA PRO B 206 -18.18 -2.12 40.35
C PRO B 206 -19.65 -1.78 40.63
N THR B 207 -19.91 -0.99 41.65
CA THR B 207 -21.27 -0.54 42.03
C THR B 207 -21.90 0.27 40.90
N ASP B 208 -21.12 1.08 40.19
CA ASP B 208 -21.68 2.02 39.20
C ASP B 208 -22.44 1.24 38.14
N HIS B 209 -21.88 0.17 37.62
CA HIS B 209 -22.56 -0.57 36.54
C HIS B 209 -23.88 -1.19 37.01
N LEU B 210 -23.88 -1.79 38.18
CA LEU B 210 -25.02 -2.57 38.71
C LEU B 210 -26.08 -1.71 39.37
N GLU B 211 -25.85 -0.45 39.68
CA GLU B 211 -26.89 0.23 40.44
C GLU B 211 -27.99 0.75 39.54
N SER B 212 -29.20 0.76 40.13
CA SER B 212 -30.38 1.41 39.60
C SER B 212 -30.34 2.88 39.94
N ALA B 213 -30.31 3.69 38.92
CA ALA B 213 -30.27 5.13 39.12
C ALA B 213 -31.56 5.74 38.58
N HIS B 224 -26.90 17.23 25.50
CA HIS B 224 -27.28 17.14 24.13
C HIS B 224 -26.30 17.91 23.20
N THR B 225 -26.06 19.17 23.54
CA THR B 225 -25.64 20.11 22.49
C THR B 225 -24.15 20.25 22.38
N ALA B 226 -23.75 20.95 21.29
CA ALA B 226 -22.34 21.23 21.09
C ALA B 226 -21.75 21.97 22.30
N ALA B 227 -22.48 22.91 22.86
CA ALA B 227 -22.03 23.67 24.02
C ALA B 227 -21.77 22.77 25.22
N ASP B 228 -22.70 21.85 25.52
CA ASP B 228 -22.49 20.92 26.61
C ASP B 228 -21.22 20.13 26.40
N MET B 229 -20.97 19.73 25.17
CA MET B 229 -19.81 18.92 24.92
C MET B 229 -18.53 19.71 25.06
N TYR B 230 -18.51 20.97 24.65
CA TYR B 230 -17.30 21.83 24.72
C TYR B 230 -17.07 22.28 26.18
N LEU B 231 -18.10 22.30 27.01
CA LEU B 231 -18.06 22.75 28.43
C LEU B 231 -17.71 21.61 29.37
N GLU B 232 -17.73 20.36 28.92
CA GLU B 232 -17.43 19.19 29.78
C GLU B 232 -16.01 19.33 30.34
N PRO B 233 -15.79 19.20 31.65
CA PRO B 233 -14.45 19.37 32.17
C PRO B 233 -13.56 18.17 31.85
N VAL B 234 -12.25 18.39 31.83
CA VAL B 234 -11.21 17.35 31.57
C VAL B 234 -11.10 16.36 32.74
N ARG B 235 -11.53 16.77 33.94
CA ARG B 235 -11.84 15.88 35.07
C ARG B 235 -13.29 15.37 34.93
N LYS B 240 -20.70 9.54 32.50
CA LYS B 240 -20.29 10.87 32.99
C LYS B 240 -19.88 11.81 31.80
N SER B 241 -18.95 11.38 30.93
CA SER B 241 -18.58 12.14 29.74
C SER B 241 -19.78 12.14 28.77
N THR B 242 -20.41 13.27 28.56
CA THR B 242 -21.51 13.21 27.61
C THR B 242 -20.97 13.09 26.20
N SER B 243 -19.79 13.69 25.93
CA SER B 243 -19.21 13.61 24.60
C SER B 243 -19.00 12.15 24.20
N LEU B 244 -18.43 11.38 25.11
CA LEU B 244 -18.13 10.01 24.82
C LEU B 244 -19.42 9.20 24.61
N SER B 245 -20.38 9.33 25.50
CA SER B 245 -21.55 8.50 25.39
C SER B 245 -22.35 8.89 24.15
N LEU B 246 -22.51 10.19 23.87
CA LEU B 246 -23.21 10.63 22.67
C LEU B 246 -22.47 10.12 21.44
N PHE B 247 -21.14 10.30 21.43
CA PHE B 247 -20.38 9.80 20.30
C PHE B 247 -20.69 8.33 20.05
N TYR B 248 -20.57 7.52 21.08
CA TYR B 248 -20.73 6.09 20.90
C TYR B 248 -22.12 5.76 20.44
N LYS B 249 -23.15 6.40 21.03
CA LYS B 249 -24.52 6.25 20.58
C LYS B 249 -24.62 6.46 19.05
N LYS B 250 -23.93 7.50 18.51
CA LYS B 250 -24.01 7.75 17.09
C LYS B 250 -23.27 6.70 16.33
N VAL B 251 -22.09 6.33 16.80
CA VAL B 251 -21.32 5.29 16.13
C VAL B 251 -22.12 3.99 16.06
N TYR B 252 -22.72 3.57 17.18
CA TYR B 252 -23.45 2.30 17.15
C TYR B 252 -24.57 2.32 16.10
N ARG B 253 -25.28 3.43 16.06
CA ARG B 253 -26.44 3.63 15.16
C ARG B 253 -25.95 3.57 13.72
N LEU B 254 -24.89 4.29 13.41
CA LEU B 254 -24.26 4.23 12.11
C LEU B 254 -23.81 2.82 11.75
N ALA B 255 -23.07 2.19 12.66
CA ALA B 255 -22.56 0.84 12.42
C ALA B 255 -23.70 -0.14 12.08
N TYR B 256 -24.76 -0.06 12.89
CA TYR B 256 -25.88 -0.94 12.79
C TYR B 256 -26.61 -0.75 11.45
N LEU B 257 -26.80 0.48 10.99
CA LEU B 257 -27.45 0.72 9.72
C LEU B 257 -26.66 0.16 8.54
N ARG B 258 -25.36 0.41 8.51
CA ARG B 258 -24.51 -0.22 7.51
C ARG B 258 -24.59 -1.73 7.60
N LEU B 259 -24.53 -2.27 8.80
CA LEU B 259 -24.57 -3.72 8.89
C LEU B 259 -25.88 -4.24 8.35
N ASN B 260 -26.98 -3.56 8.71
CA ASN B 260 -28.31 -3.90 8.24
C ASN B 260 -28.35 -3.90 6.74
N THR B 261 -27.80 -2.86 6.09
CA THR B 261 -27.74 -2.86 4.64
C THR B 261 -27.05 -4.12 4.12
N LEU B 262 -25.89 -4.46 4.70
CA LEU B 262 -25.19 -5.62 4.16
C LEU B 262 -25.88 -6.94 4.46
N CYS B 263 -26.58 -7.05 5.60
CA CYS B 263 -27.27 -8.30 5.91
C CYS B 263 -28.47 -8.51 5.03
N GLU B 264 -29.18 -7.41 4.73
CA GLU B 264 -30.29 -7.47 3.82
C GLU B 264 -29.84 -7.88 2.43
N ARG B 265 -28.67 -7.44 2.02
CA ARG B 265 -28.16 -7.86 0.72
C ARG B 265 -27.65 -9.30 0.73
N LEU B 266 -27.02 -9.78 1.80
CA LEU B 266 -26.33 -11.05 1.72
C LEU B 266 -26.99 -12.20 2.51
N LEU B 267 -27.78 -11.91 3.53
CA LEU B 267 -28.19 -12.94 4.50
C LEU B 267 -29.67 -12.87 4.74
N SER B 268 -30.42 -12.38 3.74
CA SER B 268 -31.86 -12.22 3.91
C SER B 268 -32.53 -13.54 4.16
N GLU B 269 -31.92 -14.64 3.76
CA GLU B 269 -32.54 -15.94 4.02
C GLU B 269 -32.09 -16.47 5.40
N HIS B 270 -31.29 -15.74 6.17
CA HIS B 270 -30.90 -16.16 7.53
C HIS B 270 -31.10 -14.95 8.40
N PRO B 271 -32.33 -14.51 8.52
CA PRO B 271 -32.59 -13.22 9.16
C PRO B 271 -32.18 -13.17 10.60
N GLU B 272 -31.93 -14.33 11.22
CA GLU B 272 -31.49 -14.41 12.62
C GLU B 272 -29.98 -14.12 12.70
N LEU B 273 -29.25 -13.90 11.59
CA LEU B 273 -27.83 -13.66 11.77
C LEU B 273 -27.49 -12.20 12.09
N GLU B 274 -28.28 -11.27 11.60
CA GLU B 274 -28.00 -9.85 11.74
C GLU B 274 -27.79 -9.47 13.23
N HIS B 275 -28.67 -9.94 14.09
CA HIS B 275 -28.66 -9.52 15.48
C HIS B 275 -27.45 -10.09 16.22
N ILE B 276 -27.07 -11.31 15.86
CA ILE B 276 -25.89 -12.02 16.34
C ILE B 276 -24.60 -11.30 15.91
N ILE B 277 -24.47 -11.01 14.63
CA ILE B 277 -23.37 -10.20 14.13
C ILE B 277 -23.32 -8.84 14.84
N TRP B 278 -24.50 -8.20 14.99
CA TRP B 278 -24.57 -6.93 15.68
C TRP B 278 -23.91 -7.08 17.08
N THR B 279 -24.21 -8.17 17.78
CA THR B 279 -23.68 -8.42 19.12
C THR B 279 -22.17 -8.49 19.14
N LEU B 280 -21.63 -9.29 18.22
CA LEU B 280 -20.19 -9.33 18.11
C LEU B 280 -19.63 -7.95 17.75
N PHE B 281 -20.23 -7.31 16.74
CA PHE B 281 -19.74 -6.00 16.29
C PHE B 281 -19.76 -5.03 17.47
N GLN B 282 -20.91 -4.90 18.14
CA GLN B 282 -21.03 -3.96 19.23
C GLN B 282 -20.07 -4.32 20.37
N HIS B 283 -19.92 -5.61 20.68
CA HIS B 283 -19.01 -5.98 21.76
C HIS B 283 -17.57 -5.57 21.40
N THR B 284 -17.20 -5.65 20.13
CA THR B 284 -15.87 -5.29 19.70
C THR B 284 -15.61 -3.81 19.84
N LEU B 285 -16.59 -3.02 19.46
CA LEU B 285 -16.46 -1.58 19.56
C LEU B 285 -16.44 -1.13 21.03
N GLN B 286 -17.16 -1.82 21.88
CA GLN B 286 -17.21 -1.39 23.27
C GLN B 286 -15.96 -1.85 24.06
N ASN B 287 -15.53 -3.08 23.85
CA ASN B 287 -14.52 -3.71 24.71
C ASN B 287 -13.21 -4.02 24.04
N GLU B 288 -13.16 -4.02 22.74
CA GLU B 288 -11.93 -4.26 22.00
C GLU B 288 -11.64 -3.11 21.10
N TYR B 289 -11.99 -1.91 21.61
CA TYR B 289 -11.90 -0.64 20.89
C TYR B 289 -10.54 -0.42 20.31
N GLU B 290 -9.52 -1.05 20.90
CA GLU B 290 -8.15 -0.96 20.37
C GLU B 290 -8.04 -1.45 18.94
N LEU B 291 -8.94 -2.35 18.54
CA LEU B 291 -8.86 -2.78 17.14
C LEU B 291 -9.24 -1.70 16.20
N MET B 292 -9.85 -0.63 16.67
CA MET B 292 -10.23 0.46 15.80
C MET B 292 -9.11 1.46 15.58
N ARG B 293 -8.01 1.38 16.34
CA ARG B 293 -6.96 2.40 16.24
C ARG B 293 -6.45 2.45 14.81
N ASP B 294 -6.53 3.62 14.18
CA ASP B 294 -5.97 3.74 12.85
C ASP B 294 -6.59 2.73 11.91
N ARG B 295 -7.87 2.40 12.14
CA ARG B 295 -8.59 1.54 11.24
C ARG B 295 -10.00 2.11 10.99
N HIS B 296 -10.86 1.29 10.44
CA HIS B 296 -12.11 1.74 9.87
C HIS B 296 -13.25 0.89 10.40
N LEU B 297 -14.29 1.55 10.88
CA LEU B 297 -15.51 0.89 11.29
C LEU B 297 -16.01 -0.24 10.36
N ASP B 298 -15.96 -0.02 9.05
CA ASP B 298 -16.45 -1.05 8.14
C ASP B 298 -15.52 -2.27 8.10
N GLN B 299 -14.25 -2.12 8.44
CA GLN B 299 -13.44 -3.32 8.53
C GLN B 299 -13.89 -4.19 9.69
N ILE B 300 -14.25 -3.57 10.82
CA ILE B 300 -14.74 -4.31 11.97
C ILE B 300 -16.06 -4.96 11.63
N MET B 301 -16.92 -4.19 10.97
CA MET B 301 -18.21 -4.69 10.48
C MET B 301 -18.06 -5.95 9.61
N MET B 302 -17.20 -5.86 8.61
CA MET B 302 -17.05 -6.98 7.67
C MET B 302 -16.45 -8.19 8.34
N CYS B 303 -15.49 -7.99 9.25
CA CYS B 303 -14.94 -9.14 9.95
C CYS B 303 -15.96 -9.75 10.88
N SER B 304 -16.82 -8.95 11.45
CA SER B 304 -17.78 -9.52 12.39
C SER B 304 -18.77 -10.41 11.65
N MET B 305 -19.18 -9.93 10.45
CA MET B 305 -20.04 -10.68 9.58
C MET B 305 -19.37 -11.96 9.17
N TYR B 306 -18.10 -11.88 8.80
CA TYR B 306 -17.45 -13.11 8.37
C TYR B 306 -17.29 -14.12 9.54
N GLY B 307 -16.84 -13.65 10.70
CA GLY B 307 -16.64 -14.56 11.83
C GLY B 307 -17.92 -15.24 12.31
N ILE B 308 -19.04 -14.48 12.39
CA ILE B 308 -20.27 -15.13 12.82
C ILE B 308 -20.75 -16.16 11.76
N CYS B 309 -20.71 -15.81 10.45
CA CYS B 309 -21.16 -16.76 9.44
C CYS B 309 -20.28 -17.99 9.41
N LYS B 310 -19.01 -17.82 9.70
CA LYS B 310 -18.11 -18.96 9.77
C LYS B 310 -18.50 -19.91 10.88
N VAL B 311 -18.77 -19.37 12.07
CA VAL B 311 -18.95 -20.20 13.24
C VAL B 311 -20.33 -20.77 13.22
N LYS B 312 -21.25 -20.15 12.47
CA LYS B 312 -22.59 -20.69 12.22
C LYS B 312 -22.64 -21.58 11.00
N ASN B 313 -21.51 -21.93 10.40
CA ASN B 313 -21.46 -22.89 9.32
C ASN B 313 -22.20 -22.45 8.07
N ILE B 314 -22.36 -21.11 7.85
CA ILE B 314 -22.93 -20.51 6.64
C ILE B 314 -21.78 -20.18 5.72
N ASP B 315 -21.96 -20.44 4.43
CA ASP B 315 -20.94 -20.12 3.45
C ASP B 315 -21.09 -18.65 3.08
N LEU B 316 -20.16 -17.82 3.53
CA LEU B 316 -20.15 -16.42 3.17
C LEU B 316 -18.70 -16.01 3.08
N LYS B 317 -18.12 -16.12 1.89
CA LYS B 317 -16.70 -15.85 1.70
C LYS B 317 -16.44 -14.35 1.65
N PHE B 318 -15.22 -13.95 1.99
CA PHE B 318 -14.94 -12.51 1.98
C PHE B 318 -15.19 -11.87 0.61
N LYS B 319 -14.96 -12.60 -0.48
CA LYS B 319 -15.13 -12.01 -1.82
C LYS B 319 -16.55 -11.52 -2.02
N ILE B 320 -17.51 -12.32 -1.57
CA ILE B 320 -18.91 -11.93 -1.58
C ILE B 320 -19.16 -10.75 -0.68
N ILE B 321 -18.60 -10.75 0.54
CA ILE B 321 -18.84 -9.61 1.42
C ILE B 321 -18.30 -8.35 0.77
N VAL B 322 -17.10 -8.43 0.27
CA VAL B 322 -16.35 -7.26 -0.25
C VAL B 322 -17.05 -6.73 -1.49
N THR B 323 -17.54 -7.62 -2.35
CA THR B 323 -18.31 -7.21 -3.53
C THR B 323 -19.56 -6.46 -3.14
N ALA B 324 -20.27 -6.97 -2.14
CA ALA B 324 -21.43 -6.20 -1.73
C ALA B 324 -21.04 -4.88 -1.08
N TYR B 325 -19.89 -4.86 -0.41
CA TYR B 325 -19.53 -3.64 0.32
C TYR B 325 -19.25 -2.50 -0.65
N LYS B 326 -18.74 -2.83 -1.86
CA LYS B 326 -18.44 -1.82 -2.85
C LYS B 326 -19.64 -1.01 -3.27
N ASP B 327 -20.83 -1.56 -3.16
CA ASP B 327 -22.02 -0.87 -3.62
C ASP B 327 -22.64 0.03 -2.56
N LEU B 328 -22.05 0.06 -1.40
CA LEU B 328 -22.59 0.94 -0.39
C LEU B 328 -22.18 2.36 -0.76
N PRO B 329 -23.02 3.35 -0.45
CA PRO B 329 -22.67 4.73 -0.82
C PRO B 329 -21.31 5.10 -0.27
N HIS B 330 -20.45 5.61 -1.13
CA HIS B 330 -19.13 6.10 -0.83
C HIS B 330 -18.12 5.05 -0.47
N ALA B 331 -18.48 3.78 -0.46
CA ALA B 331 -17.48 2.79 -0.14
C ALA B 331 -16.36 2.90 -1.16
N VAL B 332 -15.14 2.68 -0.69
CA VAL B 332 -13.96 2.56 -1.55
C VAL B 332 -13.21 1.26 -1.27
N GLN B 333 -12.63 0.68 -2.30
CA GLN B 333 -12.08 -0.64 -2.12
C GLN B 333 -10.83 -0.62 -1.28
N GLU B 334 -10.15 0.51 -1.17
CA GLU B 334 -9.00 0.52 -0.25
C GLU B 334 -9.37 0.02 1.15
N THR B 335 -10.60 0.31 1.57
CA THR B 335 -11.08 -0.02 2.89
C THR B 335 -10.96 -1.50 3.21
N PHE B 336 -10.97 -2.37 2.21
CA PHE B 336 -10.77 -3.80 2.40
C PHE B 336 -9.53 -4.31 1.68
N LYS B 337 -8.96 -3.50 0.80
CA LYS B 337 -7.70 -3.89 0.18
C LYS B 337 -6.51 -3.51 1.04
N ARG B 338 -6.60 -2.41 1.78
CA ARG B 338 -5.44 -1.89 2.51
C ARG B 338 -5.79 -1.68 3.98
N VAL B 339 -5.56 -2.69 4.80
CA VAL B 339 -6.00 -2.70 6.18
C VAL B 339 -4.79 -2.92 7.06
N LEU B 340 -4.70 -2.16 8.13
CA LEU B 340 -3.53 -2.26 8.98
C LEU B 340 -3.47 -3.56 9.75
N ILE B 341 -2.30 -4.20 9.66
CA ILE B 341 -2.01 -5.41 10.41
C ILE B 341 -1.26 -5.01 11.68
N LYS B 342 0.03 -4.72 11.55
CA LYS B 342 0.82 -4.28 12.70
C LYS B 342 1.78 -3.22 12.19
N GLU B 343 2.36 -2.48 13.13
CA GLU B 343 3.37 -1.47 12.85
C GLU B 343 2.95 -0.61 11.68
N GLU B 344 3.59 -0.77 10.54
CA GLU B 344 3.14 -0.07 9.35
C GLU B 344 2.84 -1.03 8.21
N GLU B 345 2.58 -2.32 8.51
CA GLU B 345 2.26 -3.32 7.51
C GLU B 345 0.75 -3.31 7.21
N TYR B 346 0.40 -3.22 5.93
CA TYR B 346 -0.96 -3.26 5.44
C TYR B 346 -1.16 -4.43 4.53
N ASP B 347 -2.36 -4.97 4.56
CA ASP B 347 -2.65 -6.16 3.77
C ASP B 347 -4.17 -6.20 3.62
N SER B 348 -4.66 -7.23 2.95
CA SER B 348 -6.08 -7.24 2.72
C SER B 348 -6.85 -7.56 4.00
N ILE B 349 -8.18 -7.47 3.89
CA ILE B 349 -8.99 -7.64 5.08
C ILE B 349 -8.93 -9.09 5.54
N ILE B 350 -8.65 -10.01 4.60
CA ILE B 350 -8.54 -11.41 4.96
C ILE B 350 -7.33 -11.66 5.85
N VAL B 351 -6.25 -10.90 5.63
CA VAL B 351 -5.08 -11.04 6.49
C VAL B 351 -5.34 -10.36 7.78
N PHE B 352 -5.99 -9.21 7.72
CA PHE B 352 -6.38 -8.60 8.98
C PHE B 352 -7.29 -9.54 9.76
N TYR B 353 -8.26 -10.16 9.08
CA TYR B 353 -9.19 -11.03 9.76
C TYR B 353 -8.44 -12.17 10.44
N ASN B 354 -7.61 -12.84 9.65
CA ASN B 354 -7.00 -14.09 10.13
C ASN B 354 -5.93 -13.83 11.17
N SER B 355 -5.11 -12.80 10.96
CA SER B 355 -4.00 -12.66 11.90
C SER B 355 -4.30 -11.71 13.04
N VAL B 356 -5.29 -10.82 12.92
CA VAL B 356 -5.50 -9.87 14.01
C VAL B 356 -6.88 -9.97 14.66
N PHE B 357 -7.94 -9.81 13.88
CA PHE B 357 -9.30 -9.81 14.42
C PHE B 357 -9.64 -11.17 14.99
N MET B 358 -9.40 -12.21 14.21
CA MET B 358 -9.79 -13.50 14.69
C MET B 358 -8.93 -13.91 15.88
N GLN B 359 -7.63 -13.64 15.82
CA GLN B 359 -6.75 -13.96 16.96
C GLN B 359 -7.26 -13.29 18.24
N ARG B 360 -7.61 -12.03 18.17
CA ARG B 360 -8.05 -11.36 19.39
C ARG B 360 -9.38 -11.87 19.86
N LEU B 361 -10.29 -12.23 18.95
CA LEU B 361 -11.68 -12.41 19.35
C LEU B 361 -12.10 -13.87 19.25
N LYS B 362 -11.18 -14.79 19.01
CA LYS B 362 -11.62 -16.16 18.70
C LYS B 362 -12.42 -16.76 19.84
N THR B 363 -12.00 -16.53 21.08
CA THR B 363 -12.83 -16.95 22.20
C THR B 363 -14.23 -16.42 22.11
N ASN B 364 -14.41 -15.12 21.89
CA ASN B 364 -15.75 -14.57 21.90
C ASN B 364 -16.55 -15.13 20.72
N ILE B 365 -15.90 -15.32 19.59
CA ILE B 365 -16.62 -15.80 18.42
C ILE B 365 -17.14 -17.21 18.65
N LEU B 366 -16.33 -18.07 19.21
CA LEU B 366 -16.77 -19.43 19.48
C LEU B 366 -17.91 -19.52 20.47
N GLN B 367 -18.13 -18.52 21.34
CA GLN B 367 -19.29 -18.67 22.20
C GLN B 367 -20.60 -18.67 21.44
N TYR B 368 -20.67 -17.99 20.31
CA TYR B 368 -21.95 -17.91 19.56
C TYR B 368 -22.37 -19.30 19.11
N ALA B 369 -21.46 -20.27 19.10
CA ALA B 369 -21.80 -21.63 18.69
C ALA B 369 -21.83 -22.57 19.88
N SER B 370 -21.64 -22.06 21.10
CA SER B 370 -21.64 -22.98 22.25
C SER B 370 -23.06 -23.11 22.77
N THR B 371 -23.26 -23.92 23.82
CA THR B 371 -24.53 -24.07 24.55
C THR B 371 -24.74 -22.96 25.58
N ARG B 372 -23.77 -22.06 25.72
CA ARG B 372 -23.86 -20.88 26.60
C ARG B 372 -23.61 -19.68 25.68
N PRO B 373 -24.50 -19.37 24.75
CA PRO B 373 -24.21 -18.31 23.75
C PRO B 373 -24.41 -16.95 24.37
N PRO B 374 -23.79 -15.92 23.87
CA PRO B 374 -23.97 -14.61 24.50
C PRO B 374 -25.39 -14.13 24.43
N THR B 375 -25.72 -13.32 25.41
CA THR B 375 -26.92 -12.52 25.33
C THR B 375 -26.76 -11.47 24.23
N LEU B 376 -27.79 -11.31 23.42
CA LEU B 376 -27.76 -10.41 22.27
C LEU B 376 -27.89 -8.96 22.73
N ALA B 377 -27.13 -8.10 22.15
CA ALA B 377 -27.06 -6.68 22.47
C ALA B 377 -28.20 -5.88 21.87
N PRO B 378 -28.61 -4.85 22.56
CA PRO B 378 -29.70 -4.01 22.07
C PRO B 378 -29.38 -3.41 20.71
N ILE B 379 -30.41 -3.31 19.90
CA ILE B 379 -30.38 -2.63 18.64
C ILE B 379 -30.39 -1.11 18.90
N PRO B 380 -29.56 -0.31 18.29
CA PRO B 380 -29.58 1.14 18.52
C PRO B 380 -30.96 1.70 18.12
N HIS B 381 -31.51 2.58 18.96
CA HIS B 381 -32.83 3.17 18.75
C HIS B 381 -32.77 4.12 17.57
N ILE B 382 -33.85 4.16 16.83
CA ILE B 382 -34.15 5.27 15.95
C ILE B 382 -34.20 6.61 16.69
N PRO B 383 -33.31 7.56 16.37
CA PRO B 383 -33.30 8.92 16.96
C PRO B 383 -34.21 9.89 16.22
#